data_7WAR
#
_entry.id   7WAR
#
_cell.length_a   96.700
_cell.length_b   96.700
_cell.length_c   166.900
_cell.angle_alpha   90.000
_cell.angle_beta   90.000
_cell.angle_gamma   120.000
#
_symmetry.space_group_name_H-M   'P 31 2 1'
#
loop_
_entity.id
_entity.type
_entity.pdbx_description
1 polymer 'stilbene O-methyltransferase'
2 non-polymer 3-[(E)-2-(4-hydroxyphenyl)ethenyl]-5-methoxy-phenol
3 non-polymer NICOTINAMIDE-ADENINE-DINUCLEOTIDE
4 non-polymer GLYCEROL
5 non-polymer 1,2-ETHANEDIOL
6 non-polymer 'ACETATE ION'
7 non-polymer DI(HYDROXYETHYL)ETHER
8 non-polymer 'PENTAETHYLENE GLYCOL'
9 water water
#
_entity_poly.entity_id   1
_entity_poly.type   'polypeptide(L)'
_entity_poly.pdbx_seq_one_letter_code
;GSYDSSSSSSNDSSARNEEDESCMFALKLLGGFAVPFTIKAVIELGVMDQLLTAERAMSAEELVAAAVAAQLPRPEVACT
MVDRLLRFLASHSVVRCTTEVVVGTDDATTTTCCRRSYAASPVCKWFARNGVEDSVLPLGMMILNKTFLDSWQNITDAVL
EGAAPFEKTYGMPMFEYLSTNGPLNTVFHEAMANHSMIITKKLLKFFRGFEGLDVLVDVGGGNGTTLQMIRGQYKNMRGI
NYDLPHVIAQAAPVEGVEHVGGSMFDNIPRGNAVLLKWILHDWDDKACIKILKNCYTALHVRGKVIVLEYVVPDEPEPTL
AAQGAFELDLTMLVTFGSGKERTQREFSELAMEAGFSREFKATYIFANVWALEFTK
;
_entity_poly.pdbx_strand_id   B,A
#
# COMPACT_ATOMS: atom_id res chain seq x y z
N ALA A 15 28.11 3.25 -6.44
CA ALA A 15 26.79 3.77 -6.83
C ALA A 15 25.71 2.75 -6.39
N ARG A 16 25.89 1.37 -6.52
CA ARG A 16 25.09 0.31 -5.85
C ARG A 16 25.83 -0.57 -4.81
N ASN A 17 25.46 -0.35 -3.53
CA ASN A 17 26.08 -0.80 -2.32
C ASN A 17 24.92 -0.93 -1.30
N GLU A 18 25.24 -0.99 -0.02
CA GLU A 18 24.25 -1.18 1.02
C GLU A 18 23.44 0.10 1.18
N GLU A 19 24.10 1.23 1.08
CA GLU A 19 23.46 2.53 1.13
C GLU A 19 22.36 2.67 0.07
N ASP A 20 22.68 2.31 -1.18
CA ASP A 20 21.80 2.27 -2.31
C ASP A 20 20.64 1.32 -2.06
N GLU A 21 20.90 0.08 -1.59
CA GLU A 21 19.85 -0.90 -1.31
C GLU A 21 18.88 -0.39 -0.22
N SER A 22 19.46 0.16 0.84
CA SER A 22 18.75 0.80 1.93
C SER A 22 17.71 1.83 1.38
N CYS A 23 18.20 2.71 0.52
CA CYS A 23 17.43 3.81 -0.04
C CYS A 23 16.29 3.22 -0.88
N MET A 24 16.58 2.27 -1.77
CA MET A 24 15.56 1.61 -2.57
C MET A 24 14.56 0.89 -1.66
N PHE A 25 15.05 0.25 -0.60
CA PHE A 25 14.17 -0.41 0.33
C PHE A 25 13.20 0.60 0.94
N ALA A 26 13.70 1.76 1.38
CA ALA A 26 12.87 2.82 1.93
C ALA A 26 11.75 3.21 0.96
N LEU A 27 12.12 3.43 -0.31
CA LEU A 27 11.15 3.79 -1.33
C LEU A 27 10.15 2.68 -1.59
N LYS A 28 10.60 1.45 -1.54
CA LYS A 28 9.71 0.32 -1.66
C LYS A 28 8.68 0.31 -0.52
N LEU A 29 9.11 0.56 0.73
CA LEU A 29 8.19 0.54 1.87
C LEU A 29 7.13 1.64 1.67
N LEU A 30 7.52 2.84 1.21
CA LEU A 30 6.59 3.98 1.00
C LEU A 30 5.62 3.73 -0.16
N GLY A 31 6.00 2.89 -1.13
CA GLY A 31 5.21 2.59 -2.35
C GLY A 31 4.29 1.37 -2.29
N GLY A 32 4.15 0.71 -1.12
CA GLY A 32 3.46 -0.58 -1.02
C GLY A 32 2.00 -0.56 -1.48
N PHE A 33 1.36 0.63 -1.52
CA PHE A 33 0.01 0.83 -1.97
C PHE A 33 -0.20 0.57 -3.46
N ALA A 34 0.86 0.60 -4.29
CA ALA A 34 0.76 0.58 -5.74
C ALA A 34 0.25 -0.76 -6.24
N VAL A 35 0.74 -1.87 -5.69
CA VAL A 35 0.25 -3.18 -6.08
C VAL A 35 -1.26 -3.32 -5.84
N PRO A 36 -1.76 -3.16 -4.59
CA PRO A 36 -3.19 -3.27 -4.35
C PRO A 36 -4.04 -2.38 -5.24
N PHE A 37 -3.64 -1.09 -5.43
CA PHE A 37 -4.44 -0.17 -6.26
C PHE A 37 -4.49 -0.59 -7.72
N THR A 38 -3.40 -1.20 -8.21
CA THR A 38 -3.26 -1.66 -9.59
C THR A 38 -4.12 -2.92 -9.80
N ILE A 39 -4.04 -3.86 -8.82
CA ILE A 39 -4.88 -5.04 -8.90
C ILE A 39 -6.34 -4.61 -8.90
N LYS A 40 -6.72 -3.68 -8.02
CA LYS A 40 -8.13 -3.20 -8.09
C LYS A 40 -8.54 -2.75 -9.51
N ALA A 41 -7.72 -1.90 -10.17
CA ALA A 41 -8.05 -1.37 -11.47
C ALA A 41 -8.21 -2.51 -12.46
N VAL A 42 -7.25 -3.43 -12.44
CA VAL A 42 -7.28 -4.53 -13.40
C VAL A 42 -8.53 -5.40 -13.20
N ILE A 43 -8.96 -5.62 -11.94
CA ILE A 43 -10.26 -6.26 -11.65
C ILE A 43 -11.40 -5.43 -12.16
N GLU A 44 -11.43 -4.15 -11.79
CA GLU A 44 -12.60 -3.34 -12.13
C GLU A 44 -12.71 -3.09 -13.64
N LEU A 45 -11.63 -3.09 -14.43
CA LEU A 45 -11.72 -3.03 -15.89
C LEU A 45 -12.27 -4.31 -16.50
N GLY A 46 -12.34 -5.41 -15.76
CA GLY A 46 -12.73 -6.71 -16.29
C GLY A 46 -11.58 -7.49 -16.88
N VAL A 47 -10.34 -6.93 -16.82
CA VAL A 47 -9.15 -7.58 -17.35
C VAL A 47 -8.77 -8.82 -16.56
N MET A 48 -8.85 -8.77 -15.23
CA MET A 48 -8.57 -9.93 -14.42
C MET A 48 -9.48 -11.08 -14.82
N ASP A 49 -10.76 -10.81 -15.00
CA ASP A 49 -11.64 -11.91 -15.39
C ASP A 49 -11.27 -12.51 -16.74
N GLN A 50 -10.78 -11.67 -17.69
CA GLN A 50 -10.33 -12.18 -18.99
C GLN A 50 -9.08 -13.02 -18.81
N LEU A 51 -8.21 -12.61 -17.88
CA LEU A 51 -7.02 -13.42 -17.59
C LEU A 51 -7.45 -14.78 -17.07
N LEU A 52 -8.43 -14.81 -16.17
CA LEU A 52 -8.84 -16.02 -15.49
C LEU A 52 -9.58 -16.98 -16.43
N THR A 53 -10.26 -16.53 -17.51
CA THR A 53 -10.89 -17.47 -18.42
C THR A 53 -10.01 -17.75 -19.63
N ALA A 54 -8.86 -17.07 -19.83
CA ALA A 54 -8.11 -17.21 -21.08
C ALA A 54 -7.48 -18.59 -21.22
N GLU A 55 -7.33 -19.01 -22.46
CA GLU A 55 -6.65 -20.24 -22.88
C GLU A 55 -5.15 -20.02 -23.11
N ARG A 56 -4.73 -18.77 -23.27
CA ARG A 56 -3.33 -18.54 -23.56
C ARG A 56 -3.00 -17.12 -23.15
N ALA A 57 -1.71 -16.77 -23.14
CA ALA A 57 -1.26 -15.40 -22.89
C ALA A 57 -2.00 -14.50 -23.86
N MET A 58 -2.44 -13.32 -23.37
CA MET A 58 -3.11 -12.33 -24.22
C MET A 58 -2.49 -10.96 -24.04
N SER A 59 -2.41 -10.21 -25.13
CA SER A 59 -1.85 -8.87 -25.08
C SER A 59 -2.84 -7.92 -24.42
N ALA A 60 -2.39 -6.72 -24.06
CA ALA A 60 -3.29 -5.74 -23.45
C ALA A 60 -4.45 -5.40 -24.37
N GLU A 61 -4.12 -5.33 -25.66
CA GLU A 61 -5.11 -5.04 -26.67
C GLU A 61 -6.20 -6.11 -26.69
N GLU A 62 -5.81 -7.39 -26.70
CA GLU A 62 -6.73 -8.51 -26.70
C GLU A 62 -7.56 -8.50 -25.43
N LEU A 63 -6.98 -8.09 -24.30
CA LEU A 63 -7.65 -8.21 -23.00
C LEU A 63 -8.67 -7.07 -22.89
N VAL A 64 -8.30 -5.90 -23.37
CA VAL A 64 -9.22 -4.78 -23.43
C VAL A 64 -10.39 -5.08 -24.37
N ALA A 65 -10.12 -5.61 -25.58
CA ALA A 65 -11.19 -5.88 -26.57
C ALA A 65 -12.14 -6.87 -25.91
N ALA A 66 -11.61 -7.83 -25.14
CA ALA A 66 -12.45 -8.90 -24.58
C ALA A 66 -13.20 -8.41 -23.35
N ALA A 67 -12.62 -7.51 -22.53
CA ALA A 67 -13.26 -7.06 -21.30
C ALA A 67 -14.27 -5.90 -21.50
N VAL A 68 -14.10 -5.09 -22.54
CA VAL A 68 -14.83 -3.85 -22.64
C VAL A 68 -15.78 -3.97 -23.83
N ALA A 69 -17.08 -3.77 -23.55
CA ALA A 69 -18.15 -3.80 -24.54
C ALA A 69 -18.16 -2.49 -25.33
N ALA A 70 -18.16 -1.35 -24.65
CA ALA A 70 -18.30 -0.05 -25.29
C ALA A 70 -17.19 0.21 -26.30
N GLN A 71 -17.49 1.05 -27.28
CA GLN A 71 -16.51 1.80 -28.03
C GLN A 71 -15.87 2.78 -27.05
N LEU A 72 -14.53 2.77 -26.99
CA LEU A 72 -13.82 3.71 -26.14
C LEU A 72 -13.48 4.99 -26.92
N PRO A 73 -13.41 6.19 -26.29
CA PRO A 73 -12.90 7.36 -27.00
C PRO A 73 -11.43 7.24 -27.46
N ARG A 74 -10.55 6.67 -26.64
CA ARG A 74 -9.13 6.63 -26.96
C ARG A 74 -8.68 5.20 -26.72
N PRO A 75 -9.03 4.28 -27.65
CA PRO A 75 -8.79 2.86 -27.45
C PRO A 75 -7.32 2.46 -27.41
N GLU A 76 -6.46 3.18 -28.12
CA GLU A 76 -5.03 2.84 -28.11
C GLU A 76 -4.34 3.32 -26.83
N VAL A 77 -4.74 4.48 -26.28
CA VAL A 77 -4.32 4.96 -24.97
C VAL A 77 -4.75 4.01 -23.84
N ALA A 78 -5.99 3.53 -23.90
CA ALA A 78 -6.49 2.57 -22.93
C ALA A 78 -5.66 1.27 -22.96
N CYS A 79 -5.39 0.72 -24.15
CA CYS A 79 -4.55 -0.48 -24.25
C CYS A 79 -3.14 -0.26 -23.67
N THR A 80 -2.49 0.85 -23.98
CA THR A 80 -1.12 1.07 -23.55
C THR A 80 -1.10 1.24 -22.02
N MET A 81 -2.06 1.96 -21.45
CA MET A 81 -2.25 2.05 -20.01
C MET A 81 -2.44 0.67 -19.37
N VAL A 82 -3.28 -0.17 -19.93
CA VAL A 82 -3.45 -1.51 -19.36
C VAL A 82 -2.12 -2.28 -19.46
N ASP A 83 -1.41 -2.09 -20.59
CA ASP A 83 -0.13 -2.75 -20.74
C ASP A 83 0.81 -2.37 -19.60
N ARG A 84 0.84 -1.06 -19.24
CA ARG A 84 1.69 -0.58 -18.16
C ARG A 84 1.26 -1.14 -16.78
N LEU A 85 -0.06 -1.18 -16.50
CA LEU A 85 -0.60 -1.80 -15.30
C LEU A 85 -0.15 -3.26 -15.21
N LEU A 86 -0.28 -4.02 -16.32
CA LEU A 86 0.07 -5.44 -16.34
C LEU A 86 1.57 -5.70 -16.22
N ARG A 87 2.40 -4.87 -16.85
CA ARG A 87 3.84 -4.97 -16.74
C ARG A 87 4.25 -4.79 -15.29
N PHE A 88 3.69 -3.78 -14.62
CA PHE A 88 3.98 -3.58 -13.22
C PHE A 88 3.60 -4.83 -12.43
N LEU A 89 2.38 -5.39 -12.65
CA LEU A 89 1.97 -6.60 -11.95
C LEU A 89 2.90 -7.79 -12.29
N ALA A 90 3.44 -7.86 -13.51
CA ALA A 90 4.38 -8.89 -13.91
C ALA A 90 5.68 -8.79 -13.12
N SER A 91 6.17 -7.58 -12.83
CA SER A 91 7.39 -7.43 -12.07
C SER A 91 7.21 -7.91 -10.63
N HIS A 92 5.98 -8.03 -10.17
CA HIS A 92 5.63 -8.51 -8.83
C HIS A 92 5.14 -9.95 -8.87
N SER A 93 5.26 -10.63 -10.04
CA SER A 93 4.85 -12.04 -10.15
C SER A 93 3.36 -12.23 -9.95
N VAL A 94 2.51 -11.19 -10.12
CA VAL A 94 1.09 -11.39 -10.01
C VAL A 94 0.52 -12.00 -11.30
N VAL A 95 1.06 -11.60 -12.47
CA VAL A 95 0.78 -12.16 -13.79
C VAL A 95 2.13 -12.57 -14.34
N ARG A 96 2.04 -13.43 -15.35
CA ARG A 96 3.15 -13.93 -16.16
C ARG A 96 3.18 -13.11 -17.43
N CYS A 97 4.37 -12.67 -17.85
CA CYS A 97 4.53 -11.91 -19.08
C CYS A 97 5.44 -12.66 -20.07
N THR A 98 5.06 -12.70 -21.36
CA THR A 98 6.04 -13.06 -22.42
C THR A 98 6.06 -11.94 -23.46
N THR A 99 7.24 -11.73 -24.06
CA THR A 99 7.53 -10.66 -25.01
C THR A 99 7.91 -11.29 -26.36
N GLU A 100 7.26 -10.79 -27.43
CA GLU A 100 7.52 -11.23 -28.82
C GLU A 100 7.75 -9.99 -29.69
N VAL A 101 8.60 -10.14 -30.73
CA VAL A 101 8.86 -9.10 -31.72
C VAL A 101 7.61 -8.90 -32.57
N VAL A 102 7.23 -7.64 -32.71
CA VAL A 102 6.08 -7.31 -33.54
C VAL A 102 6.50 -7.36 -35.03
N VAL A 103 5.87 -8.27 -35.80
CA VAL A 103 6.00 -8.37 -37.25
C VAL A 103 5.54 -7.07 -37.94
N GLY A 104 6.21 -5.92 -37.67
CA GLY A 104 5.73 -4.58 -38.05
C GLY A 104 6.01 -3.49 -37.02
N THR A 105 4.94 -2.80 -36.52
CA THR A 105 5.02 -1.71 -35.53
C THR A 105 3.72 -1.65 -34.73
N ASP A 106 3.80 -1.84 -33.39
CA ASP A 106 2.62 -1.82 -32.52
C ASP A 106 2.16 -0.37 -32.32
N ASP A 107 0.95 -0.21 -31.75
CA ASP A 107 0.51 1.08 -31.19
C ASP A 107 -0.45 0.86 -30.02
N ALA A 108 -0.44 -0.34 -29.39
CA ALA A 108 -1.26 -0.66 -28.22
C ALA A 108 -0.48 -1.43 -27.13
N THR A 109 0.87 -1.44 -27.21
CA THR A 109 1.82 -1.78 -26.14
C THR A 109 2.70 -0.53 -25.94
N THR A 110 3.17 -0.26 -24.70
CA THR A 110 4.04 0.89 -24.41
C THR A 110 5.37 0.81 -25.18
N THR A 111 5.81 -0.40 -25.61
CA THR A 111 7.13 -0.70 -26.21
C THR A 111 6.94 -1.24 -27.66
N THR A 112 7.45 -0.49 -28.68
CA THR A 112 7.10 -0.56 -30.12
C THR A 112 7.72 -1.75 -30.88
N CYS A 113 9.00 -2.09 -30.59
CA CYS A 113 9.67 -3.28 -31.09
C CYS A 113 8.81 -4.53 -30.88
N CYS A 114 8.24 -4.59 -29.64
CA CYS A 114 7.85 -5.82 -28.99
C CYS A 114 6.53 -5.63 -28.23
N ARG A 115 5.78 -6.74 -28.21
CA ARG A 115 4.47 -6.84 -27.62
C ARG A 115 4.55 -7.85 -26.50
N ARG A 116 4.02 -7.44 -25.36
CA ARG A 116 3.86 -8.28 -24.19
C ARG A 116 2.50 -8.93 -24.24
N SER A 117 2.49 -10.23 -23.87
CA SER A 117 1.28 -10.99 -23.58
C SER A 117 1.33 -11.46 -22.13
N TYR A 118 0.18 -11.62 -21.48
CA TYR A 118 0.11 -11.86 -20.06
C TYR A 118 -0.82 -13.05 -19.79
N ALA A 119 -0.49 -13.78 -18.74
CA ALA A 119 -1.34 -14.83 -18.21
C ALA A 119 -1.47 -14.62 -16.68
N ALA A 120 -2.60 -15.04 -16.12
CA ALA A 120 -2.79 -15.05 -14.67
C ALA A 120 -1.76 -15.95 -13.98
N SER A 121 -1.09 -15.53 -12.88
CA SER A 121 -0.50 -16.43 -11.93
C SER A 121 -1.58 -17.15 -11.11
N PRO A 122 -1.29 -18.32 -10.48
CA PRO A 122 -2.32 -19.04 -9.68
C PRO A 122 -3.04 -18.19 -8.63
N VAL A 123 -2.32 -17.22 -8.06
CA VAL A 123 -2.86 -16.37 -6.99
C VAL A 123 -4.10 -15.63 -7.49
N CYS A 124 -4.17 -15.36 -8.79
CA CYS A 124 -5.25 -14.56 -9.38
C CYS A 124 -6.60 -15.21 -9.24
N LYS A 125 -6.65 -16.53 -9.05
CA LYS A 125 -7.94 -17.21 -8.87
C LYS A 125 -8.70 -16.61 -7.70
N TRP A 126 -8.01 -16.03 -6.69
CA TRP A 126 -8.60 -15.45 -5.49
C TRP A 126 -9.31 -14.15 -5.80
N PHE A 127 -9.13 -13.60 -6.99
CA PHE A 127 -9.78 -12.40 -7.42
C PHE A 127 -10.98 -12.64 -8.36
N ALA A 128 -11.39 -13.90 -8.59
CA ALA A 128 -12.42 -14.23 -9.59
C ALA A 128 -13.77 -13.59 -9.23
N ARG A 129 -14.52 -13.08 -10.24
CA ARG A 129 -15.82 -12.44 -10.04
C ARG A 129 -16.93 -13.48 -9.96
N ASN A 130 -16.79 -14.66 -10.56
CA ASN A 130 -17.63 -15.75 -10.11
C ASN A 130 -17.25 -17.05 -10.84
N GLY A 131 -16.05 -17.56 -10.58
CA GLY A 131 -15.77 -18.96 -10.84
C GLY A 131 -16.73 -19.82 -10.03
N VAL A 132 -16.69 -21.15 -10.18
CA VAL A 132 -17.53 -21.93 -9.27
C VAL A 132 -16.75 -22.17 -7.96
N GLU A 133 -15.47 -21.73 -7.85
CA GLU A 133 -14.64 -21.94 -6.67
C GLU A 133 -14.75 -20.80 -5.65
N ASP A 134 -13.90 -20.85 -4.61
CA ASP A 134 -13.70 -19.77 -3.65
C ASP A 134 -12.92 -18.61 -4.27
N SER A 135 -13.45 -17.38 -4.09
CA SER A 135 -12.72 -16.14 -4.31
C SER A 135 -12.74 -15.33 -3.02
N VAL A 136 -11.78 -14.43 -2.82
CA VAL A 136 -11.88 -13.45 -1.76
C VAL A 136 -12.17 -12.07 -2.34
N LEU A 137 -12.82 -12.03 -3.54
CA LEU A 137 -12.97 -10.74 -4.21
C LEU A 137 -13.91 -9.82 -3.44
N PRO A 138 -15.07 -10.30 -2.91
CA PRO A 138 -15.92 -9.43 -2.05
C PRO A 138 -15.22 -8.83 -0.82
N LEU A 139 -14.41 -9.63 -0.15
CA LEU A 139 -13.57 -9.12 0.94
C LEU A 139 -12.56 -8.10 0.42
N GLY A 140 -11.85 -8.45 -0.66
CA GLY A 140 -10.93 -7.47 -1.23
C GLY A 140 -11.56 -6.12 -1.60
N MET A 141 -12.81 -6.13 -2.06
CA MET A 141 -13.49 -4.90 -2.41
C MET A 141 -13.73 -4.09 -1.13
N MET A 142 -13.86 -4.75 0.02
CA MET A 142 -13.99 -4.01 1.26
C MET A 142 -12.63 -3.48 1.68
N ILE A 143 -11.60 -4.32 1.65
CA ILE A 143 -10.27 -3.91 2.09
C ILE A 143 -9.84 -2.65 1.31
N LEU A 144 -10.13 -2.60 0.00
CA LEU A 144 -9.73 -1.46 -0.86
C LEU A 144 -10.85 -0.45 -1.08
N ASN A 145 -11.91 -0.51 -0.26
CA ASN A 145 -12.99 0.46 -0.42
C ASN A 145 -12.49 1.84 0.03
N LYS A 146 -12.77 2.92 -0.75
CA LYS A 146 -12.25 4.23 -0.46
C LYS A 146 -12.64 4.79 0.90
N THR A 147 -13.89 4.53 1.27
CA THR A 147 -14.41 5.02 2.54
C THR A 147 -13.53 4.53 3.68
N PHE A 148 -13.29 3.22 3.63
CA PHE A 148 -12.48 2.55 4.66
C PHE A 148 -11.02 2.98 4.55
N LEU A 149 -10.47 3.02 3.32
CA LEU A 149 -9.05 3.40 3.16
C LEU A 149 -8.78 4.82 3.67
N ASP A 150 -9.73 5.76 3.47
CA ASP A 150 -9.50 7.13 3.87
C ASP A 150 -9.16 7.23 5.37
N SER A 151 -9.69 6.36 6.23
CA SER A 151 -9.34 6.39 7.66
C SER A 151 -7.85 6.18 7.96
N TRP A 152 -7.12 5.43 7.12
CA TRP A 152 -5.72 5.17 7.38
C TRP A 152 -4.82 6.43 7.27
N GLN A 153 -5.33 7.50 6.63
CA GLN A 153 -4.67 8.78 6.50
C GLN A 153 -4.88 9.62 7.77
N ASN A 154 -5.73 9.14 8.70
CA ASN A 154 -6.03 9.83 9.92
C ASN A 154 -5.52 9.11 11.17
N ILE A 155 -4.46 8.29 11.05
CA ILE A 155 -4.02 7.48 12.19
C ILE A 155 -3.34 8.39 13.18
N THR A 156 -2.44 9.28 12.75
CA THR A 156 -1.65 10.12 13.67
C THR A 156 -2.52 10.89 14.66
N ASP A 157 -3.52 11.63 14.20
CA ASP A 157 -4.38 12.42 15.08
C ASP A 157 -5.29 11.53 15.94
N ALA A 158 -5.70 10.35 15.43
CA ALA A 158 -6.58 9.47 16.22
C ALA A 158 -5.78 8.91 17.37
N VAL A 159 -4.52 8.50 17.12
CA VAL A 159 -3.63 8.04 18.18
C VAL A 159 -3.42 9.10 19.29
N LEU A 160 -3.01 10.33 18.90
CA LEU A 160 -2.84 11.42 19.86
C LEU A 160 -4.11 11.60 20.75
N GLU A 161 -5.33 11.43 20.20
CA GLU A 161 -6.59 11.47 20.95
C GLU A 161 -6.98 10.16 21.62
N GLY A 162 -6.23 9.07 21.41
CA GLY A 162 -6.70 7.75 21.86
C GLY A 162 -8.03 7.30 21.22
N ALA A 163 -8.22 7.60 19.95
CA ALA A 163 -9.48 7.28 19.29
C ALA A 163 -9.21 6.37 18.09
N ALA A 164 -10.28 5.74 17.60
CA ALA A 164 -10.29 4.97 16.39
C ALA A 164 -10.12 5.91 15.20
N PRO A 165 -9.11 5.69 14.31
CA PRO A 165 -9.01 6.47 13.07
C PRO A 165 -10.35 6.66 12.34
N PHE A 166 -11.15 5.58 12.18
CA PHE A 166 -12.46 5.60 11.50
C PHE A 166 -13.39 6.65 12.12
N GLU A 167 -13.49 6.63 13.46
N GLU A 167 -13.43 6.65 13.45
CA GLU A 167 -14.35 7.55 14.19
CA GLU A 167 -14.33 7.49 14.21
C GLU A 167 -13.83 8.97 14.11
C GLU A 167 -13.83 8.94 14.24
N LYS A 168 -12.49 9.14 14.23
CA LYS A 168 -11.88 10.45 13.95
C LYS A 168 -12.18 10.94 12.54
N THR A 169 -12.29 10.05 11.55
CA THR A 169 -12.56 10.43 10.17
C THR A 169 -14.06 10.74 9.98
N TYR A 170 -14.99 10.00 10.57
CA TYR A 170 -16.39 10.08 10.17
C TYR A 170 -17.32 10.55 11.30
N GLY A 171 -16.78 10.74 12.50
CA GLY A 171 -17.49 11.26 13.67
C GLY A 171 -18.44 10.28 14.35
N MET A 172 -18.42 8.98 14.00
CA MET A 172 -19.20 7.97 14.68
C MET A 172 -18.51 6.60 14.52
N PRO A 173 -18.86 5.57 15.31
CA PRO A 173 -18.36 4.22 15.13
C PRO A 173 -18.76 3.66 13.78
N MET A 174 -17.92 2.72 13.30
CA MET A 174 -18.09 2.13 12.00
C MET A 174 -19.50 1.49 11.89
N PHE A 175 -19.89 0.63 12.83
CA PHE A 175 -21.22 -0.01 12.75
C PHE A 175 -22.36 1.01 12.73
N GLU A 176 -22.21 2.18 13.38
CA GLU A 176 -23.17 3.28 13.26
C GLU A 176 -23.10 3.88 11.86
N TYR A 177 -21.90 4.15 11.38
CA TYR A 177 -21.81 4.68 10.03
C TYR A 177 -22.50 3.83 8.96
N LEU A 178 -22.42 2.49 9.03
CA LEU A 178 -23.05 1.65 8.01
C LEU A 178 -24.57 1.91 7.89
N SER A 179 -25.27 2.19 9.00
CA SER A 179 -26.68 2.63 9.09
C SER A 179 -27.00 3.89 8.31
N THR A 180 -25.97 4.65 7.98
CA THR A 180 -26.08 5.91 7.26
C THR A 180 -25.59 5.82 5.81
N ASN A 181 -25.04 4.64 5.40
CA ASN A 181 -24.41 4.55 4.09
C ASN A 181 -24.71 3.14 3.59
N GLY A 182 -25.77 3.06 2.77
CA GLY A 182 -26.31 1.77 2.39
C GLY A 182 -25.35 1.02 1.47
N PRO A 183 -24.75 1.70 0.48
CA PRO A 183 -23.71 1.11 -0.36
C PRO A 183 -22.53 0.53 0.43
N LEU A 184 -22.01 1.28 1.41
CA LEU A 184 -20.89 0.76 2.20
C LEU A 184 -21.39 -0.42 3.01
N ASN A 185 -22.63 -0.32 3.53
CA ASN A 185 -23.22 -1.39 4.32
C ASN A 185 -23.26 -2.72 3.53
N THR A 186 -23.63 -2.66 2.24
CA THR A 186 -23.61 -3.80 1.32
C THR A 186 -22.20 -4.39 1.12
N VAL A 187 -21.24 -3.49 0.80
CA VAL A 187 -19.82 -3.85 0.65
C VAL A 187 -19.39 -4.58 1.92
N PHE A 188 -19.68 -4.03 3.14
CA PHE A 188 -19.26 -4.68 4.36
C PHE A 188 -19.91 -6.05 4.50
N HIS A 189 -21.23 -6.13 4.30
CA HIS A 189 -21.93 -7.38 4.61
C HIS A 189 -21.52 -8.46 3.61
N GLU A 190 -21.35 -8.07 2.34
CA GLU A 190 -20.91 -9.05 1.36
C GLU A 190 -19.50 -9.56 1.63
N ALA A 191 -18.59 -8.71 2.08
CA ALA A 191 -17.26 -9.16 2.51
C ALA A 191 -17.37 -10.16 3.66
N MET A 192 -18.17 -9.84 4.68
CA MET A 192 -18.30 -10.72 5.84
C MET A 192 -18.91 -12.07 5.44
N ALA A 193 -19.97 -12.01 4.65
CA ALA A 193 -20.66 -13.21 4.12
C ALA A 193 -19.71 -14.08 3.26
N ASN A 194 -18.88 -13.46 2.41
CA ASN A 194 -17.88 -14.14 1.61
C ASN A 194 -16.87 -14.87 2.51
N HIS A 195 -16.32 -14.17 3.52
CA HIS A 195 -15.29 -14.75 4.38
C HIS A 195 -15.93 -15.85 5.21
N SER A 196 -17.12 -15.59 5.73
CA SER A 196 -17.84 -16.57 6.52
C SER A 196 -18.14 -17.85 5.73
N MET A 197 -18.54 -17.71 4.46
CA MET A 197 -18.79 -18.85 3.58
C MET A 197 -17.56 -19.76 3.42
N ILE A 198 -16.42 -19.17 3.07
CA ILE A 198 -15.17 -19.89 2.89
C ILE A 198 -14.80 -20.56 4.20
N ILE A 199 -14.80 -19.79 5.32
CA ILE A 199 -14.36 -20.37 6.58
C ILE A 199 -15.33 -21.48 7.05
N THR A 200 -16.63 -21.33 6.83
CA THR A 200 -17.57 -22.39 7.23
C THR A 200 -17.31 -23.67 6.42
N LYS A 201 -17.02 -23.57 5.11
CA LYS A 201 -16.71 -24.77 4.31
C LYS A 201 -15.39 -25.38 4.79
N LYS A 202 -14.35 -24.58 5.10
CA LYS A 202 -13.09 -25.13 5.60
C LYS A 202 -13.23 -25.75 6.99
N LEU A 203 -14.17 -25.25 7.74
CA LEU A 203 -14.47 -25.77 9.10
C LEU A 203 -15.10 -27.15 8.92
N LEU A 204 -15.99 -27.31 7.95
CA LEU A 204 -16.66 -28.58 7.76
C LEU A 204 -15.66 -29.61 7.23
N LYS A 205 -14.65 -29.13 6.50
CA LYS A 205 -13.54 -29.99 6.09
C LYS A 205 -12.61 -30.36 7.25
N PHE A 206 -12.22 -29.43 8.14
CA PHE A 206 -11.04 -29.73 8.93
C PHE A 206 -11.30 -29.84 10.41
N PHE A 207 -12.41 -29.28 10.87
CA PHE A 207 -12.69 -29.07 12.28
C PHE A 207 -13.63 -30.18 12.75
N ARG A 208 -13.41 -30.77 13.93
CA ARG A 208 -14.26 -31.89 14.37
C ARG A 208 -15.08 -31.50 15.62
N GLY A 209 -15.05 -30.23 16.01
CA GLY A 209 -15.62 -29.82 17.30
C GLY A 209 -17.14 -29.64 17.29
N PHE A 210 -17.81 -29.90 16.14
CA PHE A 210 -19.27 -29.81 16.08
C PHE A 210 -19.89 -31.17 16.43
N GLU A 211 -19.04 -32.21 16.47
CA GLU A 211 -19.49 -33.57 16.73
C GLU A 211 -20.05 -33.62 18.13
N GLY A 212 -21.22 -34.23 18.31
CA GLY A 212 -21.76 -34.44 19.66
C GLY A 212 -22.60 -33.29 20.20
N LEU A 213 -22.67 -32.17 19.50
CA LEU A 213 -23.37 -31.01 20.04
C LEU A 213 -24.88 -31.16 19.77
N ASP A 214 -25.71 -31.02 20.81
CA ASP A 214 -27.14 -30.93 20.64
C ASP A 214 -27.54 -29.56 20.06
N VAL A 215 -27.09 -28.47 20.72
CA VAL A 215 -27.48 -27.12 20.33
C VAL A 215 -26.23 -26.24 20.10
N LEU A 216 -26.12 -25.65 18.88
CA LEU A 216 -25.08 -24.66 18.55
C LEU A 216 -25.68 -23.27 18.41
N VAL A 217 -25.20 -22.35 19.23
CA VAL A 217 -25.61 -20.96 19.17
C VAL A 217 -24.58 -20.19 18.33
N ASP A 218 -25.02 -19.54 17.24
CA ASP A 218 -24.22 -18.71 16.34
C ASP A 218 -24.46 -17.26 16.69
N VAL A 219 -23.58 -16.66 17.47
CA VAL A 219 -23.72 -15.24 17.80
C VAL A 219 -23.27 -14.39 16.62
N GLY A 220 -24.18 -13.50 16.12
CA GLY A 220 -23.96 -12.82 14.85
C GLY A 220 -24.20 -13.68 13.62
N GLY A 221 -25.13 -14.62 13.68
CA GLY A 221 -25.30 -15.54 12.58
C GLY A 221 -26.09 -15.02 11.36
N GLY A 222 -26.50 -13.74 11.37
CA GLY A 222 -26.99 -13.15 10.12
C GLY A 222 -28.34 -13.78 9.76
N ASN A 223 -28.46 -14.36 8.56
CA ASN A 223 -29.66 -15.03 8.11
C ASN A 223 -29.64 -16.54 8.42
N GLY A 224 -28.59 -17.03 9.12
CA GLY A 224 -28.55 -18.40 9.61
C GLY A 224 -27.88 -19.37 8.63
N THR A 225 -27.24 -18.82 7.56
CA THR A 225 -26.52 -19.61 6.55
C THR A 225 -25.42 -20.49 7.18
N THR A 226 -24.58 -19.93 8.07
CA THR A 226 -23.62 -20.80 8.77
C THR A 226 -24.29 -22.00 9.41
N LEU A 227 -25.31 -21.76 10.25
CA LEU A 227 -25.99 -22.86 10.93
C LEU A 227 -26.60 -23.82 9.94
N GLN A 228 -27.22 -23.29 8.89
CA GLN A 228 -27.76 -24.13 7.83
C GLN A 228 -26.69 -25.06 7.28
N MET A 229 -25.52 -24.53 6.91
CA MET A 229 -24.44 -25.38 6.38
C MET A 229 -23.95 -26.43 7.40
N ILE A 230 -23.80 -26.08 8.69
CA ILE A 230 -23.27 -27.00 9.66
C ILE A 230 -24.29 -28.16 9.89
N ARG A 231 -25.57 -27.82 10.04
CA ARG A 231 -26.65 -28.79 10.12
C ARG A 231 -26.70 -29.73 8.94
N GLY A 232 -26.34 -29.27 7.75
CA GLY A 232 -26.23 -30.08 6.56
C GLY A 232 -25.29 -31.26 6.77
N GLN A 233 -24.30 -31.15 7.67
CA GLN A 233 -23.35 -32.23 7.97
C GLN A 233 -23.71 -32.93 9.28
N TYR A 234 -24.42 -32.24 10.19
CA TYR A 234 -24.73 -32.70 11.54
C TYR A 234 -26.24 -32.53 11.69
N LYS A 235 -26.94 -33.49 11.08
CA LYS A 235 -28.36 -33.37 10.84
C LYS A 235 -29.09 -33.40 12.16
N ASN A 236 -28.55 -33.97 13.24
CA ASN A 236 -29.31 -34.01 14.48
C ASN A 236 -29.02 -32.81 15.40
N MET A 237 -28.10 -31.93 14.98
CA MET A 237 -27.81 -30.74 15.75
C MET A 237 -28.97 -29.77 15.50
N ARG A 238 -29.41 -29.03 16.53
CA ARG A 238 -30.20 -27.83 16.33
C ARG A 238 -29.37 -26.56 16.59
N GLY A 239 -29.83 -25.46 16.00
CA GLY A 239 -29.15 -24.18 15.93
C GLY A 239 -29.97 -23.11 16.55
N ILE A 240 -29.29 -22.16 17.19
CA ILE A 240 -29.88 -20.90 17.57
C ILE A 240 -29.03 -19.82 16.90
N ASN A 241 -29.69 -19.14 15.92
CA ASN A 241 -29.20 -18.01 15.19
C ASN A 241 -29.53 -16.78 15.99
N TYR A 242 -28.52 -16.30 16.72
CA TYR A 242 -28.70 -15.17 17.61
C TYR A 242 -28.12 -13.93 16.95
N ASP A 243 -28.95 -12.90 16.69
CA ASP A 243 -28.39 -11.67 16.10
C ASP A 243 -29.31 -10.52 16.49
N LEU A 244 -28.96 -9.29 16.10
CA LEU A 244 -29.70 -8.12 16.54
C LEU A 244 -31.11 -8.21 15.98
N PRO A 245 -32.14 -7.72 16.70
CA PRO A 245 -33.54 -7.84 16.24
C PRO A 245 -33.72 -7.43 14.79
N HIS A 246 -32.98 -6.41 14.33
CA HIS A 246 -33.26 -5.95 12.96
C HIS A 246 -32.69 -6.89 11.93
N VAL A 247 -31.67 -7.66 12.35
CA VAL A 247 -31.10 -8.62 11.44
C VAL A 247 -32.03 -9.82 11.46
N ILE A 248 -32.47 -10.22 12.65
CA ILE A 248 -33.40 -11.36 12.69
C ILE A 248 -34.72 -11.07 11.95
N ALA A 249 -35.25 -9.84 11.97
CA ALA A 249 -36.48 -9.49 11.27
C ALA A 249 -36.43 -9.89 9.80
N GLN A 250 -35.26 -9.74 9.19
CA GLN A 250 -35.04 -9.99 7.77
C GLN A 250 -34.74 -11.46 7.43
N ALA A 251 -34.59 -12.39 8.39
CA ALA A 251 -34.15 -13.76 8.08
C ALA A 251 -35.33 -14.65 7.73
N ALA A 252 -35.23 -15.45 6.68
CA ALA A 252 -36.24 -16.48 6.39
C ALA A 252 -36.03 -17.71 7.28
N PRO A 253 -37.09 -18.52 7.49
CA PRO A 253 -37.01 -19.72 8.33
C PRO A 253 -35.94 -20.68 7.82
N VAL A 254 -35.22 -21.35 8.74
CA VAL A 254 -34.17 -22.31 8.42
C VAL A 254 -34.52 -23.58 9.19
N GLU A 255 -34.64 -24.71 8.50
CA GLU A 255 -34.96 -25.98 9.12
C GLU A 255 -33.96 -26.26 10.26
N GLY A 256 -34.49 -26.52 11.47
CA GLY A 256 -33.73 -26.95 12.61
C GLY A 256 -32.98 -25.81 13.30
N VAL A 257 -33.36 -24.56 13.03
CA VAL A 257 -32.67 -23.39 13.55
C VAL A 257 -33.70 -22.42 14.05
N GLU A 258 -33.49 -21.89 15.25
CA GLU A 258 -34.36 -20.86 15.79
C GLU A 258 -33.65 -19.51 15.71
N HIS A 259 -34.37 -18.54 15.15
CA HIS A 259 -33.84 -17.20 15.07
C HIS A 259 -34.17 -16.53 16.38
N VAL A 260 -33.17 -15.95 17.05
CA VAL A 260 -33.49 -15.21 18.25
C VAL A 260 -32.82 -13.86 18.14
N GLY A 261 -33.62 -12.80 18.40
CA GLY A 261 -33.10 -11.45 18.55
C GLY A 261 -32.58 -11.02 19.91
N GLY A 262 -31.49 -10.22 19.92
CA GLY A 262 -30.95 -9.64 21.14
C GLY A 262 -29.53 -9.15 20.95
N SER A 263 -29.03 -8.60 22.04
CA SER A 263 -27.66 -8.19 22.26
C SER A 263 -26.88 -9.22 23.07
N MET A 264 -25.69 -9.55 22.58
CA MET A 264 -24.75 -10.44 23.28
C MET A 264 -24.25 -9.78 24.57
N PHE A 265 -24.46 -8.44 24.77
CA PHE A 265 -24.03 -7.81 25.99
C PHE A 265 -25.06 -8.05 27.10
N ASP A 266 -26.27 -8.49 26.75
CA ASP A 266 -27.33 -8.68 27.73
C ASP A 266 -27.43 -10.14 28.07
N ASN A 267 -27.31 -11.00 27.06
CA ASN A 267 -27.61 -12.41 27.24
C ASN A 267 -27.20 -13.17 25.97
N ILE A 268 -26.93 -14.46 26.14
CA ILE A 268 -26.74 -15.34 25.01
C ILE A 268 -27.69 -16.52 25.20
N PRO A 269 -28.41 -16.97 24.15
CA PRO A 269 -29.19 -18.19 24.30
C PRO A 269 -28.33 -19.39 24.74
N ARG A 270 -28.98 -20.24 25.54
CA ARG A 270 -28.34 -21.42 26.13
C ARG A 270 -28.15 -22.48 25.07
N GLY A 271 -26.99 -23.14 25.12
CA GLY A 271 -26.77 -24.32 24.29
C GLY A 271 -25.53 -25.09 24.79
N ASN A 272 -25.03 -25.96 23.94
CA ASN A 272 -23.86 -26.78 24.23
C ASN A 272 -22.58 -26.11 23.72
N ALA A 273 -22.72 -25.28 22.64
CA ALA A 273 -21.61 -24.51 22.12
C ALA A 273 -22.10 -23.16 21.59
N VAL A 274 -21.25 -22.13 21.82
CA VAL A 274 -21.40 -20.81 21.26
C VAL A 274 -20.27 -20.56 20.25
N LEU A 275 -20.64 -20.25 18.99
CA LEU A 275 -19.72 -19.76 17.95
C LEU A 275 -19.60 -18.24 17.97
N LEU A 276 -18.35 -17.75 18.03
CA LEU A 276 -17.96 -16.37 17.95
C LEU A 276 -16.93 -16.26 16.82
N LYS A 277 -17.39 -15.84 15.63
CA LYS A 277 -16.56 -15.62 14.45
C LYS A 277 -16.27 -14.15 14.24
N TRP A 278 -15.01 -13.72 14.38
CA TRP A 278 -14.65 -12.32 14.14
C TRP A 278 -15.52 -11.37 14.96
N ILE A 279 -15.87 -11.79 16.17
CA ILE A 279 -16.57 -10.96 17.16
C ILE A 279 -15.60 -10.32 18.13
N LEU A 280 -14.86 -11.17 18.94
CA LEU A 280 -13.96 -10.66 19.97
C LEU A 280 -12.96 -9.60 19.46
N HIS A 281 -12.48 -9.78 18.20
CA HIS A 281 -11.42 -8.86 17.74
C HIS A 281 -11.94 -7.44 17.48
N ASP A 282 -13.26 -7.26 17.41
CA ASP A 282 -13.87 -5.96 17.32
C ASP A 282 -13.85 -5.21 18.64
N TRP A 283 -13.52 -5.88 19.76
CA TRP A 283 -13.82 -5.33 21.09
C TRP A 283 -12.58 -5.31 21.97
N ASP A 284 -12.58 -4.42 22.97
CA ASP A 284 -11.53 -4.40 23.98
C ASP A 284 -11.70 -5.54 24.98
N ASP A 285 -10.74 -5.66 25.87
CA ASP A 285 -10.68 -6.74 26.82
C ASP A 285 -11.92 -6.78 27.72
N LYS A 286 -12.33 -5.60 28.27
CA LYS A 286 -13.50 -5.52 29.17
C LYS A 286 -14.75 -5.98 28.42
N ALA A 287 -14.94 -5.50 27.19
CA ALA A 287 -16.09 -5.95 26.43
C ALA A 287 -16.04 -7.46 26.11
N CYS A 288 -14.84 -7.99 25.76
CA CYS A 288 -14.71 -9.40 25.49
C CYS A 288 -15.08 -10.22 26.74
N ILE A 289 -14.61 -9.81 27.91
CA ILE A 289 -14.91 -10.52 29.16
C ILE A 289 -16.42 -10.55 29.44
N LYS A 290 -17.15 -9.45 29.16
CA LYS A 290 -18.59 -9.44 29.25
C LYS A 290 -19.19 -10.46 28.30
N ILE A 291 -18.76 -10.49 27.05
CA ILE A 291 -19.33 -11.42 26.09
C ILE A 291 -19.08 -12.84 26.58
N LEU A 292 -17.86 -13.07 27.09
CA LEU A 292 -17.47 -14.43 27.43
C LEU A 292 -18.18 -14.86 28.73
N LYS A 293 -18.35 -13.95 29.70
CA LYS A 293 -19.17 -14.24 30.88
C LYS A 293 -20.60 -14.59 30.50
N ASN A 294 -21.22 -13.88 29.54
CA ASN A 294 -22.52 -14.28 29.04
C ASN A 294 -22.47 -15.64 28.36
N CYS A 295 -21.41 -15.96 27.61
CA CYS A 295 -21.28 -17.31 27.03
C CYS A 295 -21.24 -18.41 28.11
N TYR A 296 -20.42 -18.19 29.14
CA TYR A 296 -20.22 -19.06 30.28
C TYR A 296 -21.56 -19.39 30.97
N THR A 297 -22.34 -18.35 31.31
CA THR A 297 -23.60 -18.58 32.01
C THR A 297 -24.58 -19.23 31.05
N ALA A 298 -24.51 -18.92 29.77
CA ALA A 298 -25.44 -19.53 28.83
C ALA A 298 -25.15 -21.02 28.61
N LEU A 299 -23.88 -21.39 28.55
CA LEU A 299 -23.50 -22.77 28.30
C LEU A 299 -23.97 -23.71 29.40
N HIS A 300 -24.38 -24.91 28.97
CA HIS A 300 -24.55 -26.04 29.87
C HIS A 300 -23.16 -26.52 30.23
N VAL A 301 -23.04 -27.40 31.24
CA VAL A 301 -21.74 -27.88 31.74
C VAL A 301 -21.07 -28.71 30.66
N ARG A 302 -19.72 -28.65 30.65
CA ARG A 302 -18.90 -29.15 29.55
C ARG A 302 -19.21 -28.40 28.24
N GLY A 303 -19.95 -27.29 28.25
CA GLY A 303 -20.12 -26.63 26.97
C GLY A 303 -18.85 -25.86 26.61
N LYS A 304 -18.81 -25.39 25.36
CA LYS A 304 -17.63 -24.81 24.74
C LYS A 304 -17.99 -23.47 24.09
N VAL A 305 -17.09 -22.49 24.16
CA VAL A 305 -17.01 -21.41 23.20
C VAL A 305 -16.01 -21.80 22.11
N ILE A 306 -16.40 -21.61 20.85
CA ILE A 306 -15.59 -21.83 19.65
C ILE A 306 -15.34 -20.45 19.04
N VAL A 307 -14.15 -19.93 19.28
CA VAL A 307 -13.64 -18.66 18.77
C VAL A 307 -12.96 -18.89 17.43
N LEU A 308 -13.46 -18.23 16.39
CA LEU A 308 -12.89 -18.28 15.04
C LEU A 308 -12.24 -16.92 14.81
N GLU A 309 -10.94 -16.88 15.01
CA GLU A 309 -10.11 -15.69 14.89
C GLU A 309 -8.72 -16.04 14.36
N TYR A 310 -7.99 -15.00 13.91
CA TYR A 310 -6.54 -15.08 13.72
C TYR A 310 -5.94 -15.10 15.11
N VAL A 311 -4.73 -15.64 15.23
CA VAL A 311 -3.99 -15.70 16.47
C VAL A 311 -2.61 -15.09 16.19
N VAL A 312 -2.30 -13.96 16.85
CA VAL A 312 -1.03 -13.30 16.59
C VAL A 312 0.06 -14.04 17.39
N PRO A 313 1.31 -14.17 16.88
CA PRO A 313 2.34 -14.86 17.61
C PRO A 313 2.76 -13.94 18.73
N ASP A 314 3.46 -14.52 19.70
N ASP A 314 3.46 -14.49 19.72
CA ASP A 314 3.96 -13.86 20.90
CA ASP A 314 3.91 -13.76 20.90
C ASP A 314 5.01 -12.79 20.53
C ASP A 314 5.08 -12.81 20.56
N GLU A 315 5.68 -12.97 19.40
CA GLU A 315 6.70 -12.05 18.94
C GLU A 315 6.43 -11.77 17.49
N PRO A 316 6.89 -10.59 17.04
CA PRO A 316 6.66 -10.16 15.67
C PRO A 316 7.58 -10.88 14.70
N GLU A 317 7.17 -12.07 14.33
CA GLU A 317 7.86 -12.85 13.33
C GLU A 317 7.64 -12.30 11.94
N PRO A 318 8.69 -12.24 11.13
CA PRO A 318 8.59 -11.77 9.76
C PRO A 318 8.20 -12.89 8.79
N THR A 319 7.04 -13.51 9.00
CA THR A 319 6.54 -14.54 8.11
C THR A 319 5.30 -14.02 7.41
N LEU A 320 4.94 -14.70 6.32
CA LEU A 320 3.75 -14.34 5.58
C LEU A 320 2.56 -14.33 6.53
N ALA A 321 2.40 -15.40 7.30
CA ALA A 321 1.24 -15.55 8.15
C ALA A 321 1.25 -14.50 9.29
N ALA A 322 2.42 -14.26 9.96
CA ALA A 322 2.45 -13.33 11.09
C ALA A 322 2.12 -11.91 10.62
N GLN A 323 2.67 -11.52 9.47
CA GLN A 323 2.50 -10.20 8.91
C GLN A 323 1.03 -9.97 8.60
N GLY A 324 0.37 -11.02 8.07
CA GLY A 324 -1.05 -10.99 7.78
C GLY A 324 -1.87 -10.79 9.05
N ALA A 325 -1.45 -11.39 10.15
CA ALA A 325 -2.13 -11.23 11.43
C ALA A 325 -1.91 -9.83 12.02
N PHE A 326 -0.67 -9.28 11.94
CA PHE A 326 -0.45 -7.90 12.42
C PHE A 326 -1.10 -6.86 11.51
N GLU A 327 -1.26 -7.19 10.22
CA GLU A 327 -1.98 -6.36 9.27
C GLU A 327 -3.47 -6.28 9.68
N LEU A 328 -4.11 -7.41 10.00
CA LEU A 328 -5.44 -7.39 10.52
C LEU A 328 -5.53 -6.65 11.88
N ASP A 329 -4.52 -6.79 12.75
CA ASP A 329 -4.43 -5.97 13.93
C ASP A 329 -4.54 -4.47 13.62
N LEU A 330 -3.78 -3.99 12.61
N LEU A 330 -3.75 -4.01 12.60
CA LEU A 330 -3.83 -2.57 12.31
CA LEU A 330 -3.76 -2.62 12.20
C LEU A 330 -5.20 -2.19 11.72
C LEU A 330 -5.16 -2.23 11.74
N THR A 331 -5.79 -3.10 10.92
CA THR A 331 -7.17 -2.94 10.45
C THR A 331 -8.15 -2.77 11.64
N MET A 332 -8.00 -3.57 12.67
CA MET A 332 -8.86 -3.40 13.84
C MET A 332 -8.58 -2.05 14.54
N LEU A 333 -7.28 -1.69 14.69
CA LEU A 333 -6.88 -0.39 15.21
C LEU A 333 -7.59 0.72 14.43
N VAL A 334 -7.52 0.66 13.11
CA VAL A 334 -8.06 1.71 12.26
C VAL A 334 -9.60 1.77 12.37
N THR A 335 -10.29 0.61 12.38
CA THR A 335 -11.75 0.49 12.35
C THR A 335 -12.38 0.84 13.71
N PHE A 336 -11.85 0.30 14.81
CA PHE A 336 -12.48 0.25 16.12
C PHE A 336 -11.58 0.90 17.17
N GLY A 337 -10.29 1.10 16.86
CA GLY A 337 -9.29 1.62 17.80
C GLY A 337 -8.82 0.59 18.84
N SER A 338 -9.78 0.16 19.70
CA SER A 338 -9.54 -0.72 20.81
C SER A 338 -9.88 -2.19 20.48
N GLY A 339 -10.57 -2.51 19.36
CA GLY A 339 -10.53 -3.86 18.78
C GLY A 339 -9.09 -4.21 18.38
N LYS A 340 -8.74 -5.50 18.36
CA LYS A 340 -7.34 -5.89 18.26
C LYS A 340 -7.27 -7.41 18.07
N GLU A 341 -6.13 -7.88 17.47
CA GLU A 341 -5.90 -9.31 17.33
C GLU A 341 -5.21 -9.70 18.61
N ARG A 342 -5.38 -10.97 18.97
CA ARG A 342 -4.78 -11.48 20.18
C ARG A 342 -3.86 -12.66 19.95
N THR A 343 -2.97 -12.86 20.92
CA THR A 343 -2.22 -14.09 21.07
C THR A 343 -3.11 -15.14 21.75
N GLN A 344 -2.68 -16.41 21.65
CA GLN A 344 -3.29 -17.52 22.34
C GLN A 344 -3.39 -17.22 23.84
N ARG A 345 -2.30 -16.76 24.42
CA ARG A 345 -2.26 -16.47 25.83
C ARG A 345 -3.30 -15.40 26.13
N GLU A 346 -3.41 -14.33 25.34
CA GLU A 346 -4.41 -13.33 25.65
C GLU A 346 -5.84 -13.92 25.53
N PHE A 347 -6.13 -14.82 24.55
CA PHE A 347 -7.46 -15.41 24.47
C PHE A 347 -7.74 -16.27 25.71
N SER A 348 -6.73 -17.05 26.10
CA SER A 348 -6.83 -17.93 27.25
C SER A 348 -7.15 -17.14 28.51
N GLU A 349 -6.46 -16.02 28.66
CA GLU A 349 -6.61 -15.19 29.85
C GLU A 349 -7.99 -14.55 29.91
N LEU A 350 -8.53 -14.07 28.79
CA LEU A 350 -9.90 -13.56 28.76
C LEU A 350 -10.91 -14.66 29.13
N ALA A 351 -10.70 -15.86 28.60
CA ALA A 351 -11.58 -16.99 28.92
C ALA A 351 -11.54 -17.36 30.41
N MET A 352 -10.32 -17.43 30.97
CA MET A 352 -10.18 -17.73 32.37
C MET A 352 -10.82 -16.64 33.25
N GLU A 353 -10.65 -15.38 32.88
CA GLU A 353 -11.34 -14.33 33.59
C GLU A 353 -12.86 -14.53 33.51
N ALA A 354 -13.42 -15.00 32.39
CA ALA A 354 -14.84 -15.22 32.25
C ALA A 354 -15.32 -16.47 33.01
N GLY A 355 -14.41 -17.32 33.55
CA GLY A 355 -14.79 -18.50 34.28
C GLY A 355 -14.35 -19.85 33.66
N PHE A 356 -13.92 -19.83 32.38
CA PHE A 356 -13.64 -21.08 31.68
C PHE A 356 -12.43 -21.79 32.34
N SER A 357 -12.37 -23.11 32.16
CA SER A 357 -11.32 -23.93 32.78
C SER A 357 -9.98 -23.83 32.03
N ARG A 358 -8.92 -24.43 32.64
CA ARG A 358 -7.53 -24.42 32.14
C ARG A 358 -7.40 -25.60 31.16
N GLU A 359 -8.19 -25.51 30.06
CA GLU A 359 -8.38 -26.51 29.02
C GLU A 359 -8.60 -25.79 27.68
N PHE A 360 -7.59 -25.82 26.78
CA PHE A 360 -7.51 -24.98 25.59
C PHE A 360 -7.29 -25.90 24.38
N LYS A 361 -8.07 -25.74 23.33
CA LYS A 361 -7.84 -26.41 22.08
C LYS A 361 -7.75 -25.36 20.98
N ALA A 362 -6.84 -25.62 20.00
CA ALA A 362 -6.63 -24.77 18.82
C ALA A 362 -6.53 -25.64 17.59
N THR A 363 -7.41 -25.45 16.63
CA THR A 363 -7.44 -26.16 15.37
C THR A 363 -7.28 -25.15 14.25
N TYR A 364 -6.19 -25.28 13.48
CA TYR A 364 -5.94 -24.39 12.38
C TYR A 364 -6.99 -24.72 11.35
N ILE A 365 -7.63 -23.67 10.80
CA ILE A 365 -8.63 -23.86 9.75
C ILE A 365 -8.07 -23.49 8.37
N PHE A 366 -7.84 -22.19 8.06
CA PHE A 366 -7.58 -21.73 6.69
C PHE A 366 -7.43 -20.20 6.72
N ALA A 367 -6.51 -19.66 5.90
CA ALA A 367 -6.34 -18.24 5.71
C ALA A 367 -6.14 -17.56 7.05
N ASN A 368 -5.28 -18.15 7.90
CA ASN A 368 -4.87 -17.58 9.15
C ASN A 368 -5.93 -17.74 10.24
N VAL A 369 -7.10 -18.31 9.92
CA VAL A 369 -8.12 -18.47 10.97
C VAL A 369 -7.93 -19.78 11.74
N TRP A 370 -8.04 -19.66 13.06
CA TRP A 370 -7.99 -20.78 13.96
C TRP A 370 -9.39 -20.92 14.60
N ALA A 371 -9.81 -22.17 14.87
CA ALA A 371 -10.87 -22.40 15.84
C ALA A 371 -10.26 -22.68 17.22
N LEU A 372 -10.49 -21.77 18.18
CA LEU A 372 -10.02 -21.90 19.56
C LEU A 372 -11.23 -22.32 20.41
N GLU A 373 -11.09 -23.36 21.23
CA GLU A 373 -12.20 -23.82 22.06
C GLU A 373 -11.82 -23.70 23.52
N PHE A 374 -12.76 -23.07 24.28
CA PHE A 374 -12.68 -22.99 25.72
C PHE A 374 -13.86 -23.76 26.32
N THR A 375 -13.70 -24.40 27.51
CA THR A 375 -14.69 -25.37 28.00
C THR A 375 -15.10 -24.95 29.40
N LYS A 376 -16.43 -24.98 29.64
CA LYS A 376 -17.01 -24.77 30.97
C LYS A 376 -16.93 -26.10 31.83
N SER B 14 4.06 -21.14 6.64
CA SER B 14 3.35 -21.86 7.74
C SER B 14 1.99 -22.39 7.25
N ALA B 15 1.48 -21.84 6.13
CA ALA B 15 0.19 -22.22 5.54
C ALA B 15 0.11 -23.73 5.42
N ARG B 16 -1.08 -24.33 5.54
CA ARG B 16 -1.13 -25.77 5.64
C ARG B 16 -1.12 -26.45 4.26
N ASN B 17 -1.49 -25.76 3.18
CA ASN B 17 -1.21 -26.33 1.88
C ASN B 17 -1.00 -25.18 0.90
N GLU B 18 -1.03 -25.54 -0.38
CA GLU B 18 -0.80 -24.60 -1.47
C GLU B 18 -1.98 -23.64 -1.64
N GLU B 19 -3.18 -24.19 -1.46
CA GLU B 19 -4.42 -23.43 -1.50
C GLU B 19 -4.42 -22.32 -0.43
N ASP B 20 -4.00 -22.70 0.79
CA ASP B 20 -3.92 -21.85 1.95
C ASP B 20 -2.88 -20.73 1.71
N GLU B 21 -1.68 -21.10 1.28
CA GLU B 21 -0.58 -20.16 0.99
C GLU B 21 -0.99 -19.21 -0.14
N SER B 22 -1.60 -19.76 -1.20
CA SER B 22 -2.21 -18.99 -2.28
C SER B 22 -3.19 -17.90 -1.77
N CYS B 23 -4.11 -18.28 -0.87
CA CYS B 23 -5.10 -17.38 -0.31
C CYS B 23 -4.42 -16.25 0.49
N MET B 24 -3.42 -16.61 1.27
CA MET B 24 -2.76 -15.65 2.12
C MET B 24 -1.90 -14.66 1.32
N PHE B 25 -1.36 -15.13 0.21
CA PHE B 25 -0.60 -14.27 -0.70
C PHE B 25 -1.58 -13.32 -1.37
N ALA B 26 -2.79 -13.76 -1.75
CA ALA B 26 -3.75 -12.86 -2.35
C ALA B 26 -4.10 -11.74 -1.35
N LEU B 27 -4.35 -12.11 -0.08
CA LEU B 27 -4.67 -11.15 0.95
C LEU B 27 -3.50 -10.19 1.15
N LYS B 28 -2.30 -10.73 1.20
CA LYS B 28 -1.10 -9.89 1.28
C LYS B 28 -1.00 -8.85 0.13
N LEU B 29 -1.22 -9.29 -1.12
CA LEU B 29 -1.20 -8.41 -2.28
C LEU B 29 -2.23 -7.29 -2.10
N LEU B 30 -3.44 -7.58 -1.57
CA LEU B 30 -4.49 -6.58 -1.35
C LEU B 30 -4.17 -5.59 -0.22
N GLY B 31 -3.30 -5.98 0.68
CA GLY B 31 -3.08 -5.25 1.93
C GLY B 31 -1.83 -4.41 1.98
N GLY B 32 -1.13 -4.25 0.84
CA GLY B 32 0.22 -3.73 0.81
C GLY B 32 0.27 -2.25 1.21
N PHE B 33 -0.88 -1.56 1.23
CA PHE B 33 -1.00 -0.17 1.65
C PHE B 33 -0.75 -0.02 3.16
N ALA B 34 -0.84 -1.10 3.95
CA ALA B 34 -0.84 -0.94 5.42
C ALA B 34 0.54 -0.47 5.91
N VAL B 35 1.62 -1.01 5.35
CA VAL B 35 2.98 -0.62 5.71
C VAL B 35 3.23 0.87 5.45
N PRO B 36 3.04 1.39 4.23
CA PRO B 36 3.29 2.83 4.01
C PRO B 36 2.50 3.73 4.98
N PHE B 37 1.22 3.42 5.22
CA PHE B 37 0.35 4.24 6.05
C PHE B 37 0.76 4.15 7.51
N THR B 38 1.31 3.01 7.90
CA THR B 38 1.79 2.82 9.28
C THR B 38 3.08 3.62 9.45
N ILE B 39 4.04 3.50 8.53
CA ILE B 39 5.24 4.33 8.52
C ILE B 39 4.93 5.84 8.61
N LYS B 40 3.97 6.35 7.82
CA LYS B 40 3.56 7.76 7.86
C LYS B 40 3.15 8.18 9.27
N ALA B 41 2.32 7.37 9.96
CA ALA B 41 1.89 7.67 11.30
C ALA B 41 3.05 7.69 12.27
N VAL B 42 3.96 6.73 12.21
CA VAL B 42 5.09 6.69 13.13
C VAL B 42 5.99 7.91 12.89
N ILE B 43 6.15 8.29 11.64
CA ILE B 43 6.86 9.53 11.33
C ILE B 43 6.14 10.74 11.93
N GLU B 44 4.86 10.90 11.58
N GLU B 44 4.85 10.88 11.63
CA GLU B 44 4.12 12.12 11.92
CA GLU B 44 4.14 12.12 11.91
C GLU B 44 4.01 12.27 13.44
C GLU B 44 3.89 12.27 13.42
N LEU B 45 3.91 11.14 14.16
CA LEU B 45 3.83 11.18 15.61
C LEU B 45 5.16 11.63 16.26
N GLY B 46 6.29 11.70 15.51
CA GLY B 46 7.61 12.00 16.07
C GLY B 46 8.34 10.75 16.58
N VAL B 47 7.69 9.55 16.56
CA VAL B 47 8.26 8.29 17.07
C VAL B 47 9.48 7.85 16.25
N MET B 48 9.41 8.00 14.92
CA MET B 48 10.49 7.56 14.06
C MET B 48 11.74 8.41 14.40
N ASP B 49 11.62 9.71 14.69
CA ASP B 49 12.82 10.51 15.00
C ASP B 49 13.42 10.14 16.38
N GLN B 50 12.57 9.77 17.35
CA GLN B 50 13.07 9.25 18.62
C GLN B 50 13.79 7.91 18.38
N LEU B 51 13.32 7.01 17.50
CA LEU B 51 14.03 5.76 17.23
C LEU B 51 15.41 6.09 16.68
N LEU B 52 15.47 7.10 15.83
CA LEU B 52 16.73 7.43 15.12
C LEU B 52 17.77 8.11 16.02
N THR B 53 17.36 8.79 17.09
CA THR B 53 18.33 9.41 18.01
C THR B 53 18.53 8.55 19.25
N ALA B 54 17.75 7.47 19.41
CA ALA B 54 17.81 6.69 20.63
C ALA B 54 19.15 5.98 20.75
N GLU B 55 19.65 5.87 21.98
CA GLU B 55 20.91 5.17 22.24
C GLU B 55 20.63 3.68 22.52
N ARG B 56 19.41 3.30 22.92
CA ARG B 56 19.08 1.89 23.07
C ARG B 56 17.61 1.65 22.64
N ALA B 57 17.18 0.39 22.69
CA ALA B 57 15.79 0.07 22.41
C ALA B 57 14.90 0.75 23.40
N MET B 58 13.71 1.16 22.96
CA MET B 58 12.77 1.91 23.78
C MET B 58 11.34 1.37 23.58
N SER B 59 10.59 1.33 24.69
CA SER B 59 9.22 0.88 24.69
C SER B 59 8.36 1.96 24.04
N ALA B 60 7.18 1.54 23.54
CA ALA B 60 6.22 2.48 23.02
C ALA B 60 5.99 3.66 24.00
N GLU B 61 5.93 3.39 25.29
CA GLU B 61 5.67 4.42 26.28
C GLU B 61 6.79 5.45 26.31
N GLU B 62 8.06 5.01 26.30
CA GLU B 62 9.20 5.88 26.31
C GLU B 62 9.24 6.68 25.01
N LEU B 63 8.94 6.05 23.86
CA LEU B 63 8.90 6.73 22.58
C LEU B 63 7.84 7.83 22.57
N VAL B 64 6.64 7.56 23.04
CA VAL B 64 5.60 8.59 23.06
C VAL B 64 5.95 9.77 24.04
N ALA B 65 6.53 9.45 25.20
CA ALA B 65 6.94 10.46 26.17
C ALA B 65 8.02 11.35 25.56
N ALA B 66 8.97 10.75 24.83
CA ALA B 66 10.03 11.48 24.20
C ALA B 66 9.45 12.26 23.00
N ALA B 67 8.50 11.72 22.20
CA ALA B 67 8.08 12.34 20.94
C ALA B 67 7.02 13.44 21.09
N VAL B 68 6.17 13.31 22.12
CA VAL B 68 5.03 14.17 22.31
C VAL B 68 5.23 15.06 23.55
N ALA B 69 5.13 16.39 23.34
CA ALA B 69 5.29 17.41 24.37
C ALA B 69 3.92 17.70 24.99
N ALA B 70 2.91 17.82 24.10
CA ALA B 70 1.47 17.85 24.40
C ALA B 70 1.02 16.85 25.47
N GLN B 71 0.21 17.30 26.44
CA GLN B 71 -0.46 16.46 27.43
C GLN B 71 -1.58 15.73 26.68
N LEU B 72 -1.63 14.38 26.78
CA LEU B 72 -2.59 13.59 26.01
C LEU B 72 -3.82 13.34 26.88
N PRO B 73 -5.05 13.34 26.30
CA PRO B 73 -6.24 12.92 27.04
C PRO B 73 -6.27 11.45 27.44
N ARG B 74 -5.72 10.58 26.58
CA ARG B 74 -5.80 9.15 26.82
C ARG B 74 -4.42 8.57 26.58
N PRO B 75 -3.46 8.86 27.47
CA PRO B 75 -2.06 8.54 27.24
C PRO B 75 -1.83 7.02 27.13
N GLU B 76 -2.50 6.20 27.93
CA GLU B 76 -2.33 4.75 27.89
C GLU B 76 -2.82 4.20 26.55
N VAL B 77 -3.96 4.64 26.03
CA VAL B 77 -4.45 4.23 24.72
C VAL B 77 -3.43 4.63 23.66
N ALA B 78 -2.82 5.82 23.75
CA ALA B 78 -1.90 6.30 22.75
C ALA B 78 -0.68 5.37 22.67
N CYS B 79 -0.13 5.02 23.83
CA CYS B 79 1.04 4.16 23.97
C CYS B 79 0.76 2.75 23.41
N THR B 80 -0.37 2.08 23.77
CA THR B 80 -0.68 0.76 23.22
C THR B 80 -0.91 0.82 21.71
N MET B 81 -1.54 1.87 21.22
CA MET B 81 -1.70 2.03 19.79
C MET B 81 -0.36 2.11 19.07
N VAL B 82 0.59 2.89 19.62
CA VAL B 82 1.92 3.04 19.07
C VAL B 82 2.66 1.69 19.13
N ASP B 83 2.46 0.94 20.20
CA ASP B 83 3.02 -0.41 20.34
C ASP B 83 2.54 -1.31 19.20
N ARG B 84 1.24 -1.24 18.87
CA ARG B 84 0.69 -2.01 17.79
C ARG B 84 1.27 -1.59 16.43
N LEU B 85 1.39 -0.28 16.16
CA LEU B 85 2.03 0.23 14.95
C LEU B 85 3.45 -0.35 14.80
N LEU B 86 4.26 -0.24 15.82
CA LEU B 86 5.67 -0.67 15.81
C LEU B 86 5.80 -2.18 15.73
N ARG B 87 4.94 -2.91 16.42
CA ARG B 87 4.94 -4.37 16.31
C ARG B 87 4.73 -4.79 14.85
N PHE B 88 3.73 -4.20 14.16
CA PHE B 88 3.49 -4.44 12.77
C PHE B 88 4.74 -4.15 11.89
N LEU B 89 5.36 -3.02 12.08
CA LEU B 89 6.58 -2.69 11.35
C LEU B 89 7.72 -3.64 11.71
N ALA B 90 7.80 -4.14 12.96
CA ALA B 90 8.78 -5.12 13.33
C ALA B 90 8.60 -6.41 12.54
N SER B 91 7.34 -6.80 12.26
CA SER B 91 7.05 -7.99 11.50
C SER B 91 7.53 -7.89 10.05
N HIS B 92 7.72 -6.65 9.58
CA HIS B 92 8.19 -6.32 8.24
C HIS B 92 9.67 -5.90 8.27
N SER B 93 10.35 -6.09 9.41
CA SER B 93 11.78 -5.79 9.58
C SER B 93 12.08 -4.30 9.43
N VAL B 94 11.04 -3.43 9.56
CA VAL B 94 11.29 -2.00 9.47
C VAL B 94 11.96 -1.51 10.75
N VAL B 95 11.51 -2.07 11.89
CA VAL B 95 12.19 -1.84 13.17
C VAL B 95 12.59 -3.21 13.75
N ARG B 96 13.51 -3.19 14.74
CA ARG B 96 13.87 -4.31 15.60
C ARG B 96 13.05 -4.27 16.88
N CYS B 97 12.63 -5.42 17.34
CA CYS B 97 11.82 -5.55 18.53
C CYS B 97 12.52 -6.53 19.48
N THR B 98 12.61 -6.14 20.77
CA THR B 98 12.96 -7.11 21.81
C THR B 98 11.85 -7.17 22.83
N THR B 99 11.65 -8.35 23.44
CA THR B 99 10.56 -8.53 24.37
C THR B 99 11.16 -8.95 25.71
N GLU B 100 10.73 -8.29 26.79
CA GLU B 100 11.17 -8.61 28.13
C GLU B 100 9.99 -8.88 29.03
N VAL B 101 10.16 -9.72 30.07
CA VAL B 101 9.11 -9.89 31.09
C VAL B 101 9.04 -8.66 32.02
N VAL B 102 7.83 -8.21 32.33
CA VAL B 102 7.60 -7.09 33.22
C VAL B 102 7.35 -7.63 34.63
N VAL B 103 8.10 -7.17 35.63
CA VAL B 103 7.77 -7.51 37.01
C VAL B 103 7.06 -6.29 37.64
N GLY B 104 5.74 -6.43 37.90
CA GLY B 104 4.80 -5.34 38.08
C GLY B 104 3.55 -5.57 37.22
N THR B 105 2.62 -4.59 37.13
CA THR B 105 1.56 -4.59 36.11
C THR B 105 1.93 -3.55 35.03
N ASP B 106 1.18 -3.49 33.92
CA ASP B 106 1.63 -2.81 32.73
C ASP B 106 0.44 -2.49 31.81
N ASP B 107 0.38 -1.26 31.26
CA ASP B 107 -0.54 -0.94 30.17
C ASP B 107 -0.02 0.28 29.39
N ALA B 108 1.21 0.14 28.84
CA ALA B 108 1.72 0.91 27.70
C ALA B 108 2.47 -0.04 26.73
N THR B 109 1.90 -1.27 26.64
CA THR B 109 2.15 -2.35 25.69
C THR B 109 0.79 -3.09 25.48
N THR B 110 0.62 -3.81 24.35
CA THR B 110 -0.60 -4.54 23.95
C THR B 110 -0.48 -6.08 24.14
N THR B 111 0.17 -6.55 25.23
CA THR B 111 0.20 -7.97 25.61
C THR B 111 0.41 -8.16 27.13
N THR B 112 -0.04 -9.35 27.64
CA THR B 112 -0.16 -9.68 29.05
C THR B 112 1.16 -9.38 29.79
N CYS B 113 2.12 -10.36 29.87
CA CYS B 113 3.27 -10.35 30.79
C CYS B 113 4.43 -9.44 30.41
N CYS B 114 4.42 -8.90 29.19
CA CYS B 114 5.67 -8.59 28.50
C CYS B 114 5.64 -7.24 27.75
N ARG B 115 6.81 -6.63 27.69
CA ARG B 115 7.01 -5.30 27.16
C ARG B 115 7.95 -5.41 25.99
N ARG B 116 7.50 -4.90 24.85
CA ARG B 116 8.35 -4.70 23.69
C ARG B 116 9.08 -3.37 23.77
N SER B 117 10.31 -3.43 23.33
CA SER B 117 11.16 -2.31 23.08
C SER B 117 11.64 -2.42 21.65
N TYR B 118 11.85 -1.24 21.03
CA TYR B 118 12.04 -1.13 19.58
C TYR B 118 13.25 -0.26 19.26
N ALA B 119 14.02 -0.66 18.23
CA ALA B 119 15.11 0.12 17.68
C ALA B 119 14.89 0.25 16.20
N ALA B 120 15.45 1.32 15.61
CA ALA B 120 15.37 1.58 14.18
C ALA B 120 16.15 0.53 13.45
N SER B 121 15.68 0.01 12.31
CA SER B 121 16.54 -0.72 11.39
C SER B 121 17.27 0.31 10.53
N PRO B 122 18.36 -0.08 9.84
CA PRO B 122 19.13 0.89 9.02
C PRO B 122 18.21 1.64 8.03
N VAL B 123 17.17 0.99 7.49
CA VAL B 123 16.30 1.62 6.50
C VAL B 123 15.63 2.89 7.05
N CYS B 124 15.39 2.94 8.37
CA CYS B 124 14.76 4.10 9.00
C CYS B 124 15.50 5.42 8.81
N LYS B 125 16.80 5.43 8.52
CA LYS B 125 17.56 6.69 8.42
C LYS B 125 17.01 7.50 7.23
N TRP B 126 16.35 6.84 6.25
CA TRP B 126 15.78 7.47 5.05
C TRP B 126 14.47 8.21 5.37
N PHE B 127 13.95 7.97 6.59
CA PHE B 127 12.78 8.68 7.05
C PHE B 127 13.09 9.85 8.02
N ALA B 128 14.34 10.26 8.17
CA ALA B 128 14.72 11.26 9.17
C ALA B 128 14.14 12.63 8.81
N ARG B 129 13.61 13.37 9.85
CA ARG B 129 12.97 14.70 9.73
C ARG B 129 13.96 15.87 9.72
N ASN B 130 15.21 15.65 10.09
CA ASN B 130 16.28 16.60 9.74
C ASN B 130 16.11 17.02 8.28
N GLY B 131 15.61 16.10 7.42
CA GLY B 131 15.23 16.38 6.04
C GLY B 131 16.42 16.26 5.08
N VAL B 132 17.44 17.10 5.31
CA VAL B 132 18.76 16.90 4.72
C VAL B 132 19.70 16.38 5.82
N GLU B 133 19.57 15.08 6.08
CA GLU B 133 20.64 14.28 6.67
C GLU B 133 20.95 13.15 5.67
N ASP B 134 20.64 13.43 4.39
CA ASP B 134 20.27 12.45 3.38
C ASP B 134 19.19 11.54 4.00
N SER B 135 17.99 12.11 3.96
CA SER B 135 16.71 11.44 4.06
C SER B 135 15.89 11.66 2.77
N VAL B 136 14.93 10.78 2.54
CA VAL B 136 13.97 10.96 1.47
C VAL B 136 12.62 11.36 2.08
N LEU B 137 12.60 11.88 3.32
CA LEU B 137 11.31 12.17 3.93
C LEU B 137 10.44 13.15 3.12
N PRO B 138 10.94 14.33 2.60
CA PRO B 138 10.07 15.26 1.81
C PRO B 138 9.46 14.57 0.58
N LEU B 139 10.28 13.71 -0.09
CA LEU B 139 9.75 12.87 -1.17
C LEU B 139 8.67 11.92 -0.65
N GLY B 140 8.93 11.28 0.50
CA GLY B 140 7.95 10.33 1.07
C GLY B 140 6.64 11.02 1.42
N MET B 141 6.72 12.29 1.82
CA MET B 141 5.49 12.97 2.20
C MET B 141 4.66 13.33 0.98
N MET B 142 5.30 13.52 -0.20
CA MET B 142 4.54 13.60 -1.45
C MET B 142 3.95 12.26 -1.87
N ILE B 143 4.77 11.18 -1.88
CA ILE B 143 4.38 9.82 -2.21
C ILE B 143 3.08 9.47 -1.48
N LEU B 144 3.00 9.78 -0.19
CA LEU B 144 1.83 9.42 0.67
C LEU B 144 0.88 10.60 0.92
N ASN B 145 1.03 11.69 0.16
CA ASN B 145 0.12 12.83 0.28
C ASN B 145 -1.30 12.38 -0.10
N LYS B 146 -2.32 12.82 0.65
CA LYS B 146 -3.67 12.33 0.40
C LYS B 146 -4.23 12.80 -0.95
N THR B 147 -4.00 14.07 -1.26
CA THR B 147 -4.50 14.61 -2.50
C THR B 147 -3.95 13.76 -3.65
N PHE B 148 -2.66 13.44 -3.66
CA PHE B 148 -2.06 12.67 -4.74
C PHE B 148 -2.50 11.21 -4.75
N LEU B 149 -2.62 10.59 -3.55
CA LEU B 149 -3.00 9.17 -3.40
C LEU B 149 -4.42 8.91 -3.86
N ASP B 150 -5.30 9.89 -3.68
CA ASP B 150 -6.69 9.78 -4.06
C ASP B 150 -6.80 9.49 -5.56
N SER B 151 -5.93 10.02 -6.43
CA SER B 151 -5.97 9.74 -7.87
C SER B 151 -5.92 8.25 -8.15
N TRP B 152 -5.22 7.48 -7.31
CA TRP B 152 -5.00 6.05 -7.53
C TRP B 152 -6.29 5.26 -7.43
N GLN B 153 -7.37 5.88 -6.88
CA GLN B 153 -8.66 5.20 -6.75
C GLN B 153 -9.46 5.42 -8.03
N ASN B 154 -8.96 6.28 -8.94
CA ASN B 154 -9.73 6.58 -10.13
C ASN B 154 -9.04 6.01 -11.37
N ILE B 155 -8.18 4.97 -11.23
CA ILE B 155 -7.45 4.44 -12.40
C ILE B 155 -8.40 3.85 -13.45
N THR B 156 -9.41 3.09 -12.99
CA THR B 156 -10.33 2.39 -13.88
C THR B 156 -10.98 3.34 -14.87
N ASP B 157 -11.62 4.39 -14.38
CA ASP B 157 -12.40 5.27 -15.24
C ASP B 157 -11.46 6.05 -16.14
N ALA B 158 -10.34 6.47 -15.57
CA ALA B 158 -9.33 7.20 -16.33
C ALA B 158 -8.84 6.37 -17.52
N VAL B 159 -8.55 5.06 -17.31
CA VAL B 159 -8.11 4.18 -18.40
C VAL B 159 -9.22 4.11 -19.48
N LEU B 160 -10.45 3.88 -19.06
CA LEU B 160 -11.58 3.84 -19.96
C LEU B 160 -11.70 5.11 -20.83
N GLU B 161 -11.37 6.28 -20.29
CA GLU B 161 -11.39 7.50 -21.08
C GLU B 161 -10.04 7.82 -21.73
N GLY B 162 -9.01 7.00 -21.48
CA GLY B 162 -7.65 7.33 -21.89
C GLY B 162 -7.21 8.69 -21.34
N ALA B 163 -7.53 8.98 -20.08
CA ALA B 163 -7.06 10.15 -19.35
C ALA B 163 -6.08 9.78 -18.23
N ALA B 164 -5.30 10.76 -17.74
CA ALA B 164 -4.57 10.63 -16.50
C ALA B 164 -5.57 10.47 -15.35
N PRO B 165 -5.38 9.46 -14.45
CA PRO B 165 -6.16 9.39 -13.20
C PRO B 165 -6.23 10.73 -12.43
N PHE B 166 -5.13 11.49 -12.40
CA PHE B 166 -5.11 12.77 -11.69
C PHE B 166 -6.12 13.70 -12.35
N GLU B 167 -6.14 13.76 -13.69
N GLU B 167 -6.18 13.74 -13.70
CA GLU B 167 -7.06 14.62 -14.41
CA GLU B 167 -7.03 14.64 -14.47
C GLU B 167 -8.51 14.23 -14.15
C GLU B 167 -8.50 14.23 -14.36
N LYS B 168 -8.77 12.93 -14.22
CA LYS B 168 -10.08 12.37 -13.98
C LYS B 168 -10.52 12.60 -12.54
N THR B 169 -9.57 12.71 -11.59
CA THR B 169 -9.92 13.00 -10.22
C THR B 169 -10.17 14.51 -9.98
N TYR B 170 -9.36 15.42 -10.56
CA TYR B 170 -9.35 16.82 -10.16
C TYR B 170 -9.86 17.71 -11.29
N GLY B 171 -10.15 17.12 -12.45
CA GLY B 171 -10.76 17.82 -13.57
C GLY B 171 -9.77 18.51 -14.50
N MET B 172 -8.45 18.40 -14.20
CA MET B 172 -7.43 19.16 -14.91
C MET B 172 -6.05 18.54 -14.71
N PRO B 173 -5.04 18.88 -15.53
CA PRO B 173 -3.67 18.39 -15.32
C PRO B 173 -3.03 18.91 -14.03
N MET B 174 -2.09 18.12 -13.52
CA MET B 174 -1.48 18.35 -12.22
C MET B 174 -0.82 19.72 -12.14
N PHE B 175 0.04 20.02 -13.12
CA PHE B 175 0.79 21.28 -13.17
C PHE B 175 -0.13 22.51 -13.20
N GLU B 176 -1.30 22.44 -13.85
CA GLU B 176 -2.37 23.47 -13.71
C GLU B 176 -2.89 23.55 -12.30
N TYR B 177 -3.31 22.40 -11.75
CA TYR B 177 -3.93 22.30 -10.43
C TYR B 177 -3.02 22.82 -9.32
N LEU B 178 -1.71 22.55 -9.41
CA LEU B 178 -0.81 23.04 -8.36
C LEU B 178 -0.86 24.56 -8.13
N SER B 179 -1.22 25.34 -9.16
N SER B 179 -1.19 25.37 -9.13
CA SER B 179 -1.29 26.80 -9.08
CA SER B 179 -1.19 26.82 -8.93
C SER B 179 -2.43 27.24 -8.17
C SER B 179 -2.43 27.24 -8.14
N THR B 180 -3.41 26.33 -7.98
CA THR B 180 -4.62 26.55 -7.21
C THR B 180 -4.58 25.90 -5.81
N ASN B 181 -3.44 25.30 -5.42
CA ASN B 181 -3.35 24.59 -4.15
C ASN B 181 -1.93 24.81 -3.64
N GLY B 182 -1.74 25.92 -2.89
CA GLY B 182 -0.43 26.38 -2.41
C GLY B 182 0.29 25.29 -1.61
N PRO B 183 -0.39 24.75 -0.59
CA PRO B 183 0.16 23.64 0.21
C PRO B 183 0.64 22.40 -0.58
N LEU B 184 -0.17 21.90 -1.52
CA LEU B 184 0.23 20.80 -2.38
C LEU B 184 1.40 21.20 -3.26
N ASN B 185 1.37 22.47 -3.70
CA ASN B 185 2.48 22.97 -4.54
C ASN B 185 3.79 22.89 -3.77
N THR B 186 3.80 23.31 -2.50
CA THR B 186 5.02 23.23 -1.68
C THR B 186 5.44 21.76 -1.45
N VAL B 187 4.50 20.89 -1.03
CA VAL B 187 4.82 19.48 -0.92
C VAL B 187 5.53 18.98 -2.19
N PHE B 188 4.98 19.25 -3.39
CA PHE B 188 5.54 18.79 -4.64
C PHE B 188 6.94 19.33 -4.79
N HIS B 189 7.13 20.63 -4.56
CA HIS B 189 8.45 21.25 -4.84
C HIS B 189 9.50 20.80 -3.84
N GLU B 190 9.11 20.60 -2.58
CA GLU B 190 10.05 20.12 -1.60
C GLU B 190 10.48 18.68 -1.92
N ALA B 191 9.55 17.86 -2.41
CA ALA B 191 9.88 16.49 -2.80
C ALA B 191 10.90 16.55 -3.93
N MET B 192 10.63 17.38 -4.94
CA MET B 192 11.53 17.51 -6.09
C MET B 192 12.94 17.99 -5.68
N ALA B 193 12.97 19.01 -4.84
CA ALA B 193 14.20 19.60 -4.32
C ALA B 193 14.99 18.56 -3.52
N ASN B 194 14.30 17.78 -2.67
CA ASN B 194 14.88 16.75 -1.84
C ASN B 194 15.56 15.70 -2.74
N HIS B 195 14.83 15.14 -3.72
CA HIS B 195 15.41 14.12 -4.59
C HIS B 195 16.60 14.72 -5.36
N SER B 196 16.46 15.99 -5.76
CA SER B 196 17.50 16.69 -6.52
C SER B 196 18.81 16.81 -5.74
N MET B 197 18.71 17.21 -4.49
CA MET B 197 19.83 17.30 -3.56
C MET B 197 20.54 15.97 -3.40
N ILE B 198 19.79 14.86 -3.16
CA ILE B 198 20.46 13.57 -2.98
C ILE B 198 21.22 13.18 -4.25
N ILE B 199 20.55 13.25 -5.39
CA ILE B 199 21.11 12.80 -6.65
C ILE B 199 22.29 13.69 -7.04
N THR B 200 22.16 15.03 -6.89
CA THR B 200 23.31 15.92 -7.11
C THR B 200 24.54 15.48 -6.30
N LYS B 201 24.41 15.17 -5.01
CA LYS B 201 25.54 14.71 -4.22
C LYS B 201 26.14 13.44 -4.78
N LYS B 202 25.26 12.51 -5.19
CA LYS B 202 25.70 11.20 -5.65
C LYS B 202 26.40 11.34 -7.00
N LEU B 203 25.93 12.31 -7.77
CA LEU B 203 26.49 12.65 -9.07
C LEU B 203 27.94 13.10 -8.90
N LEU B 204 28.18 13.98 -7.91
CA LEU B 204 29.49 14.50 -7.64
C LEU B 204 30.38 13.44 -7.01
N LYS B 205 29.81 12.37 -6.47
CA LYS B 205 30.59 11.22 -6.07
C LYS B 205 30.84 10.25 -7.22
N PHE B 206 29.91 10.02 -8.17
CA PHE B 206 30.00 8.84 -9.03
C PHE B 206 30.10 9.21 -10.52
N PHE B 207 29.78 10.44 -10.90
CA PHE B 207 29.71 10.76 -12.31
C PHE B 207 30.86 11.66 -12.76
N ARG B 208 31.40 11.49 -13.96
CA ARG B 208 32.58 12.25 -14.31
C ARG B 208 32.28 13.15 -15.50
N GLY B 209 31.03 13.16 -15.96
CA GLY B 209 30.70 13.86 -17.16
C GLY B 209 30.57 15.37 -16.98
N PHE B 210 30.84 15.92 -15.79
CA PHE B 210 30.90 17.38 -15.66
C PHE B 210 32.32 17.86 -15.92
N GLU B 211 33.27 16.92 -16.07
CA GLU B 211 34.65 17.30 -16.42
C GLU B 211 34.75 17.96 -17.80
N GLY B 212 35.57 19.02 -17.94
CA GLY B 212 35.81 19.67 -19.21
C GLY B 212 34.71 20.63 -19.69
N LEU B 213 33.60 20.83 -18.92
CA LEU B 213 32.49 21.67 -19.34
C LEU B 213 32.78 23.15 -19.03
N ASP B 214 32.65 24.04 -20.01
CA ASP B 214 32.70 25.47 -19.69
C ASP B 214 31.33 25.92 -19.19
N VAL B 215 30.24 25.57 -19.95
CA VAL B 215 28.93 26.02 -19.54
C VAL B 215 27.95 24.86 -19.45
N LEU B 216 27.32 24.70 -18.28
CA LEU B 216 26.23 23.74 -18.07
C LEU B 216 24.90 24.49 -17.87
N VAL B 217 23.93 24.11 -18.70
CA VAL B 217 22.55 24.54 -18.63
C VAL B 217 21.69 23.54 -17.85
N ASP B 218 21.15 23.97 -16.71
CA ASP B 218 20.29 23.16 -15.89
C ASP B 218 18.84 23.57 -16.17
N VAL B 219 18.07 22.69 -16.85
CA VAL B 219 16.66 22.97 -17.09
C VAL B 219 15.80 22.55 -15.89
N GLY B 220 14.91 23.48 -15.42
CA GLY B 220 14.18 23.28 -14.19
C GLY B 220 15.09 23.42 -12.96
N GLY B 221 16.09 24.31 -13.01
CA GLY B 221 17.09 24.44 -11.97
C GLY B 221 16.60 25.07 -10.65
N GLY B 222 15.36 25.60 -10.64
CA GLY B 222 14.77 26.18 -9.42
C GLY B 222 15.48 27.47 -9.00
N ASN B 223 16.07 27.44 -7.78
CA ASN B 223 16.87 28.54 -7.25
C ASN B 223 18.35 28.40 -7.65
N GLY B 224 18.72 27.32 -8.36
CA GLY B 224 20.06 27.13 -8.90
C GLY B 224 20.98 26.38 -7.93
N THR B 225 20.39 25.69 -6.93
CA THR B 225 21.12 24.94 -5.92
C THR B 225 21.97 23.86 -6.58
N THR B 226 21.44 23.18 -7.59
CA THR B 226 22.18 22.09 -8.17
C THR B 226 23.45 22.63 -8.82
N LEU B 227 23.28 23.66 -9.65
CA LEU B 227 24.42 24.25 -10.30
C LEU B 227 25.40 24.78 -9.27
N GLN B 228 24.94 25.31 -8.15
CA GLN B 228 25.85 25.83 -7.14
C GLN B 228 26.71 24.69 -6.58
N MET B 229 26.08 23.57 -6.19
CA MET B 229 26.81 22.43 -5.65
C MET B 229 27.81 21.91 -6.69
N ILE B 230 27.38 21.79 -7.95
CA ILE B 230 28.29 21.33 -9.01
C ILE B 230 29.50 22.24 -9.15
N ARG B 231 29.30 23.57 -9.11
CA ARG B 231 30.39 24.55 -9.20
C ARG B 231 31.32 24.42 -7.98
N GLY B 232 30.80 24.07 -6.82
CA GLY B 232 31.62 23.75 -5.66
C GLY B 232 32.71 22.76 -6.01
N GLN B 233 32.40 21.77 -6.87
CA GLN B 233 33.40 20.78 -7.25
C GLN B 233 34.15 21.22 -8.51
N TYR B 234 33.48 21.92 -9.47
CA TYR B 234 34.08 22.35 -10.72
C TYR B 234 34.03 23.89 -10.79
N LYS B 235 34.99 24.52 -10.09
CA LYS B 235 35.02 25.96 -9.81
C LYS B 235 35.05 26.81 -11.09
N ASN B 236 35.73 26.34 -12.14
CA ASN B 236 35.74 27.06 -13.41
C ASN B 236 34.55 26.83 -14.33
N MET B 237 33.59 26.00 -13.95
CA MET B 237 32.41 25.83 -14.80
C MET B 237 31.50 27.02 -14.50
N ARG B 238 30.81 27.53 -15.54
CA ARG B 238 29.72 28.47 -15.42
C ARG B 238 28.39 27.72 -15.61
N GLY B 239 27.38 28.13 -14.84
CA GLY B 239 26.02 27.62 -14.90
C GLY B 239 25.02 28.59 -15.55
N ILE B 240 24.12 28.05 -16.39
CA ILE B 240 22.82 28.68 -16.66
C ILE B 240 21.71 27.87 -15.99
N ASN B 241 21.06 28.51 -15.02
CA ASN B 241 19.83 28.06 -14.40
C ASN B 241 18.62 28.50 -15.22
N TYR B 242 18.03 27.58 -15.99
CA TYR B 242 16.90 27.85 -16.84
C TYR B 242 15.60 27.23 -16.31
N ASP B 243 14.66 28.09 -15.95
CA ASP B 243 13.38 27.66 -15.40
C ASP B 243 12.27 28.66 -15.83
N LEU B 244 11.02 28.40 -15.44
CA LEU B 244 9.90 29.26 -15.78
C LEU B 244 10.12 30.66 -15.23
N PRO B 245 9.74 31.75 -15.98
CA PRO B 245 9.91 33.12 -15.50
C PRO B 245 9.50 33.38 -14.03
N HIS B 246 8.41 32.78 -13.54
CA HIS B 246 7.98 33.05 -12.18
C HIS B 246 8.90 32.41 -11.14
N VAL B 247 9.55 31.28 -11.53
CA VAL B 247 10.51 30.61 -10.64
C VAL B 247 11.79 31.45 -10.64
N ILE B 248 12.24 31.86 -11.82
CA ILE B 248 13.45 32.66 -11.89
C ILE B 248 13.31 33.99 -11.12
N ALA B 249 12.14 34.63 -11.12
CA ALA B 249 11.97 35.90 -10.41
C ALA B 249 12.30 35.74 -8.91
N GLN B 250 12.06 34.56 -8.31
CA GLN B 250 12.20 34.33 -6.89
C GLN B 250 13.63 33.89 -6.53
N ALA B 251 14.57 33.83 -7.50
CA ALA B 251 15.91 33.23 -7.33
C ALA B 251 16.98 34.28 -6.94
N ALA B 252 17.55 34.20 -5.72
CA ALA B 252 18.64 35.09 -5.29
C ALA B 252 19.89 34.91 -6.15
N PRO B 253 20.87 35.85 -6.21
CA PRO B 253 22.08 35.62 -7.00
C PRO B 253 22.87 34.41 -6.49
N VAL B 254 23.47 33.69 -7.45
CA VAL B 254 24.39 32.60 -7.18
C VAL B 254 25.64 32.91 -7.98
N GLU B 255 26.82 32.75 -7.39
CA GLU B 255 28.09 33.07 -8.03
C GLU B 255 28.30 32.05 -9.17
N GLY B 256 28.52 32.54 -10.41
CA GLY B 256 28.85 31.69 -11.54
C GLY B 256 27.64 31.11 -12.27
N VAL B 257 26.44 31.46 -11.82
CA VAL B 257 25.18 30.98 -12.35
C VAL B 257 24.40 32.19 -12.86
N GLU B 258 24.02 32.19 -14.13
CA GLU B 258 22.98 33.07 -14.66
C GLU B 258 21.59 32.38 -14.65
N HIS B 259 20.64 33.03 -13.96
CA HIS B 259 19.24 32.67 -13.95
C HIS B 259 18.62 33.21 -15.22
N VAL B 260 17.93 32.36 -16.01
CA VAL B 260 17.31 32.71 -17.27
C VAL B 260 15.91 32.12 -17.26
N GLY B 261 14.90 32.99 -17.50
CA GLY B 261 13.50 32.57 -17.51
C GLY B 261 13.05 32.15 -18.91
N GLY B 262 12.29 31.08 -19.05
CA GLY B 262 11.81 30.69 -20.38
C GLY B 262 11.18 29.31 -20.33
N SER B 263 10.53 28.97 -21.44
CA SER B 263 9.91 27.67 -21.66
C SER B 263 10.88 26.82 -22.48
N MET B 264 11.15 25.60 -21.98
CA MET B 264 11.99 24.62 -22.69
C MET B 264 11.37 24.20 -24.02
N PHE B 265 10.08 24.55 -24.27
CA PHE B 265 9.40 24.21 -25.52
C PHE B 265 9.72 25.25 -26.58
N ASP B 266 10.11 26.46 -26.15
CA ASP B 266 10.43 27.55 -27.04
C ASP B 266 11.90 27.49 -27.40
N ASN B 267 12.75 27.40 -26.36
CA ASN B 267 14.19 27.53 -26.49
C ASN B 267 14.86 26.92 -25.28
N ILE B 268 16.12 26.59 -25.45
CA ILE B 268 17.05 26.34 -24.34
C ILE B 268 18.29 27.22 -24.51
N PRO B 269 18.82 27.86 -23.46
CA PRO B 269 20.02 28.66 -23.61
C PRO B 269 21.20 27.80 -24.06
N ARG B 270 22.22 28.43 -24.68
CA ARG B 270 23.32 27.71 -25.32
C ARG B 270 24.34 27.30 -24.26
N GLY B 271 25.09 26.22 -24.53
CA GLY B 271 26.00 25.68 -23.54
C GLY B 271 26.78 24.47 -24.06
N ASN B 272 27.61 23.85 -23.21
CA ASN B 272 28.39 22.68 -23.61
C ASN B 272 27.62 21.40 -23.30
N ALA B 273 26.68 21.50 -22.34
CA ALA B 273 25.86 20.38 -21.89
C ALA B 273 24.55 20.95 -21.35
N VAL B 274 23.44 20.20 -21.51
CA VAL B 274 22.14 20.47 -20.91
C VAL B 274 21.78 19.32 -19.99
N LEU B 275 21.40 19.65 -18.77
CA LEU B 275 20.93 18.71 -17.76
C LEU B 275 19.40 18.68 -17.73
N LEU B 276 18.82 17.47 -17.90
CA LEU B 276 17.39 17.20 -17.78
C LEU B 276 17.18 16.14 -16.71
N LYS B 277 16.72 16.57 -15.52
CA LYS B 277 16.51 15.64 -14.43
C LYS B 277 15.01 15.50 -14.19
N TRP B 278 14.50 14.29 -14.35
CA TRP B 278 13.08 14.01 -14.21
C TRP B 278 12.19 14.98 -15.04
N ILE B 279 12.62 15.33 -16.26
CA ILE B 279 11.81 16.13 -17.17
C ILE B 279 11.15 15.20 -18.17
N LEU B 280 11.97 14.45 -18.91
CA LEU B 280 11.43 13.63 -19.99
C LEU B 280 10.35 12.64 -19.55
N HIS B 281 10.43 12.12 -18.32
CA HIS B 281 9.48 11.08 -17.95
C HIS B 281 8.08 11.67 -17.66
N ASP B 282 7.94 13.00 -17.59
CA ASP B 282 6.63 13.65 -17.44
C ASP B 282 5.81 13.67 -18.75
N TRP B 283 6.47 13.46 -19.90
CA TRP B 283 6.01 13.91 -21.24
C TRP B 283 5.95 12.72 -22.20
N ASP B 284 5.06 12.82 -23.19
CA ASP B 284 4.96 11.82 -24.22
C ASP B 284 6.12 11.97 -25.19
N ASP B 285 6.23 11.03 -26.12
CA ASP B 285 7.39 10.97 -27.01
C ASP B 285 7.48 12.22 -27.89
N LYS B 286 6.36 12.76 -28.41
CA LYS B 286 6.47 13.95 -29.27
C LYS B 286 6.99 15.16 -28.51
N ALA B 287 6.44 15.40 -27.32
CA ALA B 287 6.96 16.45 -26.44
C ALA B 287 8.45 16.26 -26.11
N CYS B 288 8.89 15.00 -25.84
CA CYS B 288 10.29 14.72 -25.50
C CYS B 288 11.17 15.09 -26.69
N ILE B 289 10.77 14.68 -27.88
CA ILE B 289 11.53 14.99 -29.09
C ILE B 289 11.68 16.51 -29.28
N LYS B 290 10.62 17.28 -29.03
CA LYS B 290 10.74 18.73 -29.11
C LYS B 290 11.69 19.28 -28.07
N ILE B 291 11.61 18.81 -26.82
CA ILE B 291 12.58 19.28 -25.83
C ILE B 291 14.00 18.95 -26.31
N LEU B 292 14.28 17.70 -26.79
CA LEU B 292 15.62 17.29 -27.19
C LEU B 292 16.07 18.03 -28.45
N LYS B 293 15.17 18.31 -29.40
CA LYS B 293 15.52 19.19 -30.51
C LYS B 293 15.93 20.60 -30.06
N ASN B 294 15.28 21.18 -29.03
CA ASN B 294 15.76 22.49 -28.53
C ASN B 294 17.14 22.36 -27.87
N CYS B 295 17.40 21.24 -27.15
CA CYS B 295 18.71 20.96 -26.58
C CYS B 295 19.76 20.90 -27.68
N TYR B 296 19.46 20.15 -28.75
CA TYR B 296 20.33 19.97 -29.89
C TYR B 296 20.74 21.33 -30.56
N THR B 297 19.77 22.21 -30.87
CA THR B 297 20.05 23.54 -31.44
C THR B 297 20.84 24.38 -30.45
N ALA B 298 20.62 24.23 -29.15
CA ALA B 298 21.34 25.03 -28.16
C ALA B 298 22.79 24.56 -27.98
N LEU B 299 23.17 23.36 -28.45
CA LEU B 299 24.50 22.82 -28.14
C LEU B 299 25.47 23.09 -29.30
N HIS B 300 26.74 23.28 -28.94
CA HIS B 300 27.87 23.29 -29.87
C HIS B 300 28.13 21.84 -30.22
N VAL B 301 28.81 21.53 -31.34
CA VAL B 301 29.01 20.12 -31.72
C VAL B 301 29.96 19.48 -30.69
N ARG B 302 29.78 18.17 -30.43
CA ARG B 302 30.30 17.47 -29.26
C ARG B 302 29.61 17.87 -27.98
N GLY B 303 28.61 18.76 -28.04
CA GLY B 303 27.89 19.06 -26.82
C GLY B 303 27.06 17.82 -26.47
N LYS B 304 26.61 17.78 -25.23
CA LYS B 304 25.90 16.65 -24.65
C LYS B 304 24.57 17.07 -23.99
N VAL B 305 23.60 16.18 -24.02
CA VAL B 305 22.49 16.20 -23.06
C VAL B 305 22.78 15.12 -22.04
N ILE B 306 22.58 15.49 -20.76
CA ILE B 306 22.62 14.60 -19.61
C ILE B 306 21.20 14.43 -19.05
N VAL B 307 20.67 13.20 -19.19
CA VAL B 307 19.34 12.83 -18.79
C VAL B 307 19.50 12.06 -17.48
N LEU B 308 18.84 12.53 -16.43
CA LEU B 308 18.85 11.89 -15.13
C LEU B 308 17.45 11.34 -14.91
N GLU B 309 17.36 10.01 -15.07
CA GLU B 309 16.08 9.33 -15.08
C GLU B 309 16.34 7.89 -14.63
N TYR B 310 15.28 7.22 -14.17
CA TYR B 310 15.26 5.76 -14.13
C TYR B 310 15.26 5.18 -15.53
N VAL B 311 15.68 3.93 -15.65
CA VAL B 311 15.62 3.22 -16.91
C VAL B 311 14.94 1.90 -16.60
N VAL B 312 13.82 1.62 -17.28
CA VAL B 312 13.12 0.37 -17.01
C VAL B 312 13.82 -0.66 -17.86
N PRO B 313 13.86 -1.91 -17.35
CA PRO B 313 14.40 -3.03 -18.13
C PRO B 313 13.40 -3.35 -19.25
N ASP B 314 13.93 -3.99 -20.27
CA ASP B 314 13.18 -4.43 -21.45
C ASP B 314 12.12 -5.47 -21.10
N GLU B 315 12.29 -6.19 -19.98
CA GLU B 315 11.27 -7.15 -19.60
C GLU B 315 11.00 -6.90 -18.13
N PRO B 316 9.82 -7.30 -17.64
CA PRO B 316 9.45 -7.08 -16.25
C PRO B 316 10.11 -8.03 -15.25
N GLU B 317 11.36 -7.74 -14.94
CA GLU B 317 12.14 -8.53 -13.99
C GLU B 317 11.60 -8.32 -12.59
N PRO B 318 11.42 -9.41 -11.80
CA PRO B 318 10.95 -9.29 -10.44
C PRO B 318 12.15 -9.05 -9.54
N THR B 319 12.83 -7.92 -9.74
CA THR B 319 13.83 -7.43 -8.80
C THR B 319 13.35 -6.20 -8.07
N LEU B 320 14.00 -5.93 -6.93
CA LEU B 320 13.81 -4.72 -6.16
C LEU B 320 13.94 -3.49 -7.06
N ALA B 321 15.02 -3.37 -7.84
CA ALA B 321 15.19 -2.19 -8.67
C ALA B 321 14.14 -2.06 -9.77
N ALA B 322 13.78 -3.17 -10.46
CA ALA B 322 12.82 -3.14 -11.57
C ALA B 322 11.41 -2.80 -11.09
N GLN B 323 10.99 -3.41 -9.99
CA GLN B 323 9.74 -3.10 -9.34
C GLN B 323 9.64 -1.59 -9.05
N GLY B 324 10.70 -1.00 -8.51
CA GLY B 324 10.70 0.42 -8.19
C GLY B 324 10.60 1.28 -9.44
N ALA B 325 11.20 0.83 -10.53
CA ALA B 325 11.09 1.52 -11.78
C ALA B 325 9.68 1.40 -12.37
N PHE B 326 9.05 0.23 -12.31
CA PHE B 326 7.69 0.12 -12.83
C PHE B 326 6.70 0.83 -11.90
N GLU B 327 7.00 0.86 -10.59
N GLU B 327 7.02 0.83 -10.61
CA GLU B 327 6.23 1.65 -9.63
CA GLU B 327 6.23 1.63 -9.69
C GLU B 327 6.29 3.15 -9.99
C GLU B 327 6.26 3.12 -10.08
N LEU B 328 7.45 3.64 -10.42
CA LEU B 328 7.56 4.99 -10.89
C LEU B 328 6.82 5.17 -12.22
N ASP B 329 6.90 4.21 -13.15
CA ASP B 329 6.06 4.25 -14.34
C ASP B 329 4.55 4.43 -14.01
N LEU B 330 4.03 3.67 -13.04
CA LEU B 330 2.66 3.81 -12.61
C LEU B 330 2.36 5.19 -11.98
N THR B 331 3.28 5.75 -11.23
CA THR B 331 3.15 7.10 -10.70
C THR B 331 2.98 8.10 -11.83
N MET B 332 3.77 7.92 -12.89
CA MET B 332 3.72 8.74 -14.10
C MET B 332 2.40 8.59 -14.85
N LEU B 333 1.94 7.34 -15.00
CA LEU B 333 0.61 7.08 -15.55
C LEU B 333 -0.48 7.80 -14.75
N VAL B 334 -0.46 7.60 -13.41
CA VAL B 334 -1.41 8.22 -12.52
C VAL B 334 -1.39 9.77 -12.58
N THR B 335 -0.19 10.35 -12.58
CA THR B 335 0.00 11.79 -12.53
C THR B 335 -0.28 12.47 -13.87
N PHE B 336 0.29 11.93 -14.95
CA PHE B 336 0.31 12.59 -16.23
C PHE B 336 -0.39 11.79 -17.32
N GLY B 337 -0.64 10.50 -17.10
CA GLY B 337 -1.20 9.66 -18.17
C GLY B 337 -0.15 9.15 -19.15
N SER B 338 0.32 10.04 -20.03
CA SER B 338 1.24 9.76 -21.13
C SER B 338 2.69 10.04 -20.70
N GLY B 339 2.96 10.68 -19.54
CA GLY B 339 4.28 10.64 -18.92
C GLY B 339 4.60 9.16 -18.67
N LYS B 340 5.88 8.76 -18.72
CA LYS B 340 6.18 7.32 -18.59
C LYS B 340 7.68 7.14 -18.31
N GLU B 341 8.05 5.96 -17.77
CA GLU B 341 9.46 5.54 -17.66
C GLU B 341 9.84 4.79 -18.92
N ARG B 342 11.11 4.89 -19.33
CA ARG B 342 11.58 4.41 -20.62
C ARG B 342 12.75 3.45 -20.46
N THR B 343 12.88 2.56 -21.43
CA THR B 343 14.03 1.69 -21.62
C THR B 343 15.14 2.54 -22.22
N GLN B 344 16.39 2.03 -22.16
CA GLN B 344 17.56 2.62 -22.79
C GLN B 344 17.24 2.85 -24.26
N ARG B 345 16.74 1.82 -24.93
CA ARG B 345 16.46 1.92 -26.34
C ARG B 345 15.45 3.04 -26.64
N GLU B 346 14.37 3.17 -25.84
CA GLU B 346 13.40 4.23 -26.04
C GLU B 346 14.09 5.60 -25.90
N PHE B 347 14.96 5.79 -24.89
CA PHE B 347 15.73 7.02 -24.77
C PHE B 347 16.65 7.29 -25.96
N SER B 348 17.33 6.25 -26.43
CA SER B 348 18.22 6.35 -27.60
C SER B 348 17.41 6.78 -28.82
N GLU B 349 16.28 6.13 -29.05
CA GLU B 349 15.43 6.46 -30.18
C GLU B 349 14.98 7.91 -30.12
N LEU B 350 14.51 8.40 -28.95
CA LEU B 350 14.10 9.81 -28.87
C LEU B 350 15.28 10.70 -29.29
N ALA B 351 16.51 10.41 -28.80
CA ALA B 351 17.65 11.31 -28.97
C ALA B 351 18.00 11.30 -30.45
N MET B 352 17.99 10.13 -31.11
CA MET B 352 18.36 10.04 -32.51
C MET B 352 17.30 10.81 -33.31
N GLU B 353 16.03 10.69 -32.94
CA GLU B 353 14.97 11.47 -33.57
C GLU B 353 15.25 12.96 -33.48
N ALA B 354 15.77 13.43 -32.34
CA ALA B 354 16.11 14.82 -32.18
C ALA B 354 17.41 15.21 -32.88
N GLY B 355 18.14 14.29 -33.52
CA GLY B 355 19.38 14.61 -34.23
C GLY B 355 20.68 14.17 -33.53
N PHE B 356 20.65 13.55 -32.34
CA PHE B 356 21.88 13.15 -31.68
C PHE B 356 22.50 11.91 -32.35
N SER B 357 23.81 11.76 -32.19
CA SER B 357 24.59 10.65 -32.78
C SER B 357 24.26 9.29 -32.17
N ARG B 358 24.80 8.24 -32.80
CA ARG B 358 24.64 6.88 -32.33
C ARG B 358 25.78 6.53 -31.37
N GLU B 359 25.77 7.27 -30.27
CA GLU B 359 26.78 7.36 -29.24
C GLU B 359 26.04 7.60 -27.92
N PHE B 360 26.06 6.56 -27.07
CA PHE B 360 25.20 6.45 -25.90
C PHE B 360 26.10 6.15 -24.69
N LYS B 361 26.01 6.92 -23.62
CA LYS B 361 26.65 6.54 -22.37
C LYS B 361 25.61 6.48 -21.26
N ALA B 362 25.75 5.50 -20.36
CA ALA B 362 24.91 5.31 -19.19
C ALA B 362 25.81 5.07 -17.98
N THR B 363 25.73 5.96 -16.99
CA THR B 363 26.41 5.80 -15.71
C THR B 363 25.37 5.65 -14.63
N TYR B 364 25.38 4.53 -13.89
CA TYR B 364 24.49 4.37 -12.77
C TYR B 364 24.88 5.34 -11.66
N ILE B 365 23.90 6.01 -11.03
CA ILE B 365 24.19 7.00 -9.98
C ILE B 365 23.80 6.43 -8.61
N PHE B 366 22.48 6.39 -8.33
CA PHE B 366 21.97 6.02 -7.01
C PHE B 366 20.46 5.96 -7.05
N ALA B 367 19.86 5.14 -6.20
CA ALA B 367 18.41 5.06 -6.03
C ALA B 367 17.68 4.93 -7.37
N ASN B 368 18.19 4.06 -8.24
CA ASN B 368 17.61 3.72 -9.56
C ASN B 368 17.85 4.77 -10.61
N VAL B 369 18.56 5.86 -10.27
CA VAL B 369 18.75 6.92 -11.23
C VAL B 369 20.05 6.64 -11.99
N TRP B 370 19.95 6.78 -13.32
CA TRP B 370 21.08 6.73 -14.24
C TRP B 370 21.30 8.11 -14.86
N ALA B 371 22.54 8.42 -15.17
CA ALA B 371 22.90 9.53 -16.03
C ALA B 371 23.13 8.98 -17.43
N LEU B 372 22.20 9.28 -18.36
CA LEU B 372 22.33 8.93 -19.77
C LEU B 372 22.84 10.15 -20.53
N GLU B 373 23.91 10.02 -21.31
CA GLU B 373 24.50 11.11 -22.09
C GLU B 373 24.37 10.83 -23.59
N PHE B 374 23.78 11.78 -24.31
CA PHE B 374 23.62 11.79 -25.76
C PHE B 374 24.44 12.96 -26.31
N THR B 375 25.15 12.76 -27.45
CA THR B 375 26.15 13.69 -27.97
C THR B 375 25.83 14.18 -29.39
N LYS B 376 25.99 15.49 -29.65
CA LYS B 376 25.69 16.07 -30.97
C LYS B 376 26.76 15.67 -32.03
#